data_7CLU
#
_entry.id   7CLU
#
_cell.length_a   69.095
_cell.length_b   52.358
_cell.length_c   92.835
_cell.angle_alpha   90.000
_cell.angle_beta   97.352
_cell.angle_gamma   90.000
#
_symmetry.space_group_name_H-M   'P 1 21 1'
#
loop_
_entity.id
_entity.type
_entity.pdbx_description
1 polymer 'Methyltransferase domain-containing protein'
2 non-polymer 'ACETATE ION'
3 non-polymer GLYCEROL
4 water water
#
_entity_poly.entity_id   1
_entity_poly.type   'polypeptide(L)'
_entity_poly.pdbx_seq_one_letter_code
;MPLTKQDAVNQMMGFFQAKALTAALALKLFDQLRDRDADAAHIAARLDCPARSTEQLLIALRAMGYLDQRDGLYHLPAAH
RAFLLSDEPQWLGWLGRHIDTFLYPLWGELKTAVRNDAHQRRTVFGDDRSWFDILYQNPDDVADFQEFLGKFAAPFIAGF
VRDYDFSQHRAFLDIGSGIGSLPMAIADAYPGIALAICELPQASAFLRDKLTLQGYGERIDVVEGDVISGDLPIGGYDLI
HLGWMLHDYAPETQLTILRNIYRAMPAGGRFIASETPLNEDKSGPEFTALLSLNMLVSTDGGIESSAQEYLDRFRLAGFS
NARIMKIAGPRTLIVGEKLEHHHHHH
;
_entity_poly.pdbx_strand_id   A,B
#
loop_
_chem_comp.id
_chem_comp.type
_chem_comp.name
_chem_comp.formula
ACT non-polymer 'ACETATE ION' 'C2 H3 O2 -1'
GOL non-polymer GLYCEROL 'C3 H8 O3'
#
# COMPACT_ATOMS: atom_id res chain seq x y z
N PRO A 2 18.82 -10.39 -7.26
CA PRO A 2 17.61 -9.67 -7.67
C PRO A 2 16.33 -10.24 -7.04
N LEU A 3 15.18 -9.75 -7.50
CA LEU A 3 13.89 -10.17 -6.97
C LEU A 3 13.23 -11.14 -7.94
N THR A 4 12.10 -11.71 -7.52
CA THR A 4 11.37 -12.70 -8.32
C THR A 4 9.93 -12.28 -8.50
N LYS A 5 9.22 -13.08 -9.31
CA LYS A 5 7.83 -12.79 -9.63
C LYS A 5 6.98 -12.72 -8.38
N GLN A 6 7.28 -13.59 -7.39
CA GLN A 6 6.50 -13.60 -6.16
C GLN A 6 6.64 -12.30 -5.39
N ASP A 7 7.85 -11.72 -5.38
CA ASP A 7 8.08 -10.44 -4.72
C ASP A 7 7.23 -9.34 -5.34
N ALA A 8 7.28 -9.23 -6.67
CA ALA A 8 6.50 -8.20 -7.34
C ALA A 8 5.02 -8.36 -7.02
N VAL A 9 4.52 -9.61 -7.04
CA VAL A 9 3.13 -9.87 -6.71
C VAL A 9 2.83 -9.47 -5.28
N ASN A 10 3.72 -9.88 -4.35
CA ASN A 10 3.58 -9.47 -2.95
C ASN A 10 3.46 -7.96 -2.82
N GLN A 11 4.31 -7.22 -3.53
CA GLN A 11 4.26 -5.77 -3.36
C GLN A 11 3.08 -5.15 -4.09
N MET A 12 2.69 -5.67 -5.26
CA MET A 12 1.50 -5.16 -5.93
C MET A 12 0.24 -5.34 -5.08
N MET A 13 0.23 -6.32 -4.17
CA MET A 13 -0.90 -6.56 -3.28
C MET A 13 -0.73 -5.89 -1.92
N GLY A 14 0.34 -5.13 -1.72
CA GLY A 14 0.61 -4.51 -0.43
C GLY A 14 -0.38 -3.45 -0.03
N PHE A 15 -1.24 -2.98 -0.95
CA PHE A 15 -2.36 -2.14 -0.54
C PHE A 15 -3.33 -2.89 0.37
N PHE A 16 -3.33 -4.24 0.32
CA PHE A 16 -4.10 -5.03 1.29
C PHE A 16 -3.72 -4.68 2.73
N GLN A 17 -2.44 -4.85 3.08
CA GLN A 17 -2.01 -4.59 4.44
C GLN A 17 -2.24 -3.14 4.81
N ALA A 18 -2.04 -2.23 3.86
CA ALA A 18 -2.20 -0.80 4.14
C ALA A 18 -3.61 -0.50 4.60
N LYS A 19 -4.61 -0.96 3.84
CA LYS A 19 -6.00 -0.65 4.14
C LYS A 19 -6.53 -1.47 5.32
N ALA A 20 -5.99 -2.67 5.57
CA ALA A 20 -6.34 -3.34 6.82
C ALA A 20 -5.95 -2.49 8.02
N LEU A 21 -4.77 -1.89 7.98
CA LEU A 21 -4.33 -1.03 9.07
C LEU A 21 -5.16 0.25 9.17
N THR A 22 -5.34 0.97 8.04
CA THR A 22 -6.06 2.24 8.12
C THR A 22 -7.53 2.03 8.47
N ALA A 23 -8.15 0.93 8.04
CA ALA A 23 -9.52 0.65 8.46
C ALA A 23 -9.59 0.40 9.97
N ALA A 24 -8.70 -0.45 10.49
CA ALA A 24 -8.65 -0.71 11.93
C ALA A 24 -8.46 0.57 12.72
N LEU A 25 -7.64 1.49 12.21
CA LEU A 25 -7.43 2.74 12.92
C LEU A 25 -8.67 3.62 12.85
N ALA A 26 -9.31 3.68 11.67
CA ALA A 26 -10.52 4.49 11.53
C ALA A 26 -11.65 3.93 12.40
N LEU A 27 -11.75 2.61 12.51
CA LEU A 27 -12.74 2.00 13.39
C LEU A 27 -12.36 2.11 14.86
N LYS A 28 -11.16 2.61 15.18
CA LYS A 28 -10.64 2.62 16.53
C LYS A 28 -10.69 1.22 17.14
N LEU A 29 -10.33 0.22 16.32
CA LEU A 29 -10.49 -1.18 16.72
C LEU A 29 -9.59 -1.51 17.90
N PHE A 30 -8.33 -1.06 17.86
CA PHE A 30 -7.43 -1.37 18.94
C PHE A 30 -7.86 -0.75 20.26
N ASP A 31 -8.72 0.28 20.23
CA ASP A 31 -9.22 0.86 21.47
C ASP A 31 -9.98 -0.16 22.30
N GLN A 32 -10.70 -1.07 21.65
CA GLN A 32 -11.52 -2.08 22.34
C GLN A 32 -10.69 -3.09 23.11
N LEU A 33 -9.37 -3.10 22.93
CA LEU A 33 -8.49 -4.02 23.63
C LEU A 33 -7.56 -3.33 24.61
N ARG A 34 -7.75 -2.03 24.84
CA ARG A 34 -6.80 -1.29 25.71
C ARG A 34 -6.89 -1.77 27.17
N ASP A 35 -8.04 -2.32 27.56
CA ASP A 35 -8.29 -2.73 28.93
C ASP A 35 -8.26 -4.24 29.13
N ARG A 36 -8.87 -5.01 28.23
CA ARG A 36 -8.94 -6.46 28.34
C ARG A 36 -8.70 -7.08 26.97
N ASP A 37 -8.45 -8.38 26.97
CA ASP A 37 -8.53 -9.20 25.77
C ASP A 37 -9.98 -9.57 25.48
N ALA A 38 -10.27 -9.91 24.21
CA ALA A 38 -11.65 -10.17 23.82
C ALA A 38 -11.70 -10.94 22.51
N ASP A 39 -12.77 -11.73 22.35
CA ASP A 39 -12.97 -12.48 21.13
C ASP A 39 -13.64 -11.61 20.07
N ALA A 40 -13.72 -12.16 18.86
CA ALA A 40 -14.19 -11.36 17.73
C ALA A 40 -15.62 -10.87 17.93
N ALA A 41 -16.48 -11.70 18.51
CA ALA A 41 -17.89 -11.33 18.60
C ALA A 41 -18.09 -10.13 19.52
N HIS A 42 -17.31 -10.04 20.60
CA HIS A 42 -17.44 -8.93 21.54
C HIS A 42 -16.74 -7.67 21.07
N ILE A 43 -15.62 -7.81 20.37
CA ILE A 43 -15.04 -6.66 19.69
C ILE A 43 -16.05 -6.09 18.70
N ALA A 44 -16.70 -6.96 17.92
CA ALA A 44 -17.69 -6.50 16.95
C ALA A 44 -18.88 -5.83 17.63
N ALA A 45 -19.26 -6.31 18.81
CA ALA A 45 -20.32 -5.65 19.58
C ALA A 45 -19.89 -4.25 19.99
N ARG A 46 -18.70 -4.13 20.57
CA ARG A 46 -18.24 -2.83 21.04
C ARG A 46 -18.02 -1.87 19.89
N LEU A 47 -17.69 -2.37 18.69
CA LEU A 47 -17.49 -1.51 17.53
C LEU A 47 -18.77 -1.21 16.78
N ASP A 48 -19.88 -1.89 17.09
CA ASP A 48 -21.12 -1.73 16.34
C ASP A 48 -20.96 -2.22 14.90
N CYS A 49 -20.39 -3.41 14.75
CA CYS A 49 -20.12 -4.00 13.45
C CYS A 49 -20.56 -5.45 13.40
N PRO A 50 -20.92 -5.96 12.22
CA PRO A 50 -21.17 -7.40 12.07
C PRO A 50 -20.03 -8.23 12.64
N ALA A 51 -20.39 -9.37 13.24
CA ALA A 51 -19.38 -10.23 13.82
C ALA A 51 -18.44 -10.77 12.76
N ARG A 52 -18.99 -11.21 11.63
CA ARG A 52 -18.23 -11.92 10.62
C ARG A 52 -17.15 -11.05 10.00
N SER A 53 -17.52 -9.85 9.55
CA SER A 53 -16.52 -8.99 8.91
C SER A 53 -15.52 -8.46 9.92
N THR A 54 -15.97 -8.09 11.12
CA THR A 54 -15.02 -7.73 12.17
C THR A 54 -14.01 -8.85 12.39
N GLU A 55 -14.49 -10.11 12.39
CA GLU A 55 -13.58 -11.23 12.57
C GLU A 55 -12.57 -11.32 11.44
N GLN A 56 -13.01 -11.04 10.21
CA GLN A 56 -12.10 -11.06 9.07
C GLN A 56 -11.00 -10.01 9.23
N LEU A 57 -11.37 -8.83 9.69
CA LEU A 57 -10.35 -7.80 9.95
C LEU A 57 -9.42 -8.23 11.08
N LEU A 58 -9.98 -8.83 12.14
CA LEU A 58 -9.17 -9.24 13.29
C LEU A 58 -8.16 -10.31 12.90
N ILE A 59 -8.62 -11.35 12.18
CA ILE A 59 -7.74 -12.42 11.75
C ILE A 59 -6.61 -11.88 10.89
N ALA A 60 -6.92 -10.94 10.00
CA ALA A 60 -5.89 -10.31 9.20
C ALA A 60 -4.89 -9.56 10.07
N LEU A 61 -5.38 -8.76 11.02
CA LEU A 61 -4.48 -8.02 11.89
C LEU A 61 -3.64 -8.96 12.74
N ARG A 62 -4.21 -10.09 13.14
CA ARG A 62 -3.41 -11.07 13.87
C ARG A 62 -2.34 -11.66 12.95
N ALA A 63 -2.75 -12.05 11.74
CA ALA A 63 -1.80 -12.67 10.82
C ALA A 63 -0.70 -11.70 10.44
N MET A 64 -0.96 -10.39 10.50
CA MET A 64 0.05 -9.37 10.19
C MET A 64 0.96 -9.07 11.37
N GLY A 65 0.65 -9.58 12.57
CA GLY A 65 1.48 -9.38 13.73
C GLY A 65 1.09 -8.20 14.61
N TYR A 66 0.02 -7.47 14.26
CA TYR A 66 -0.40 -6.30 15.03
C TYR A 66 -1.19 -6.69 16.28
N LEU A 67 -1.83 -7.85 16.28
CA LEU A 67 -2.52 -8.36 17.45
C LEU A 67 -2.04 -9.77 17.74
N ASP A 68 -2.15 -10.15 19.01
CA ASP A 68 -2.00 -11.52 19.46
C ASP A 68 -3.39 -12.16 19.55
N GLN A 69 -3.41 -13.49 19.48
CA GLN A 69 -4.64 -14.22 19.70
C GLN A 69 -4.32 -15.51 20.45
N ARG A 70 -4.93 -15.70 21.61
CA ARG A 70 -4.74 -16.93 22.37
C ARG A 70 -6.12 -17.45 22.74
N ASP A 71 -6.40 -18.69 22.33
CA ASP A 71 -7.65 -19.37 22.66
C ASP A 71 -8.86 -18.55 22.25
N GLY A 72 -8.77 -17.89 21.10
CA GLY A 72 -9.88 -17.12 20.58
C GLY A 72 -9.97 -15.68 21.06
N LEU A 73 -9.17 -15.29 22.06
CA LEU A 73 -9.17 -13.93 22.57
C LEU A 73 -8.09 -13.11 21.88
N TYR A 74 -8.45 -11.94 21.38
CA TYR A 74 -7.48 -11.05 20.77
C TYR A 74 -6.85 -10.18 21.85
N HIS A 75 -5.54 -9.94 21.70
CA HIS A 75 -4.77 -9.21 22.69
C HIS A 75 -3.96 -8.14 21.99
N LEU A 76 -4.04 -6.91 22.49
CA LEU A 76 -3.20 -5.82 22.01
C LEU A 76 -1.80 -5.91 22.62
N PRO A 77 -0.76 -6.13 21.82
CA PRO A 77 0.61 -6.20 22.38
C PRO A 77 1.01 -4.89 23.03
N ALA A 78 1.75 -5.00 24.14
CA ALA A 78 2.12 -3.82 24.92
C ALA A 78 2.92 -2.83 24.09
N ALA A 79 3.87 -3.34 23.30
CA ALA A 79 4.72 -2.44 22.54
C ALA A 79 4.01 -1.80 21.35
N HIS A 80 2.76 -2.15 21.07
CA HIS A 80 1.99 -1.50 20.02
C HIS A 80 1.05 -0.43 20.54
N ARG A 81 0.92 -0.33 21.87
CA ARG A 81 -0.04 0.60 22.48
C ARG A 81 0.25 2.04 22.10
N ALA A 82 1.54 2.41 22.07
CA ALA A 82 1.90 3.82 21.91
C ALA A 82 1.46 4.36 20.57
N PHE A 83 1.30 3.52 19.55
CA PHE A 83 0.92 4.02 18.23
C PHE A 83 -0.42 3.49 17.71
N LEU A 84 -1.05 2.50 18.36
CA LEU A 84 -2.34 2.00 17.91
C LEU A 84 -3.52 2.47 18.75
N LEU A 85 -3.29 3.01 19.93
CA LEU A 85 -4.35 3.52 20.78
C LEU A 85 -4.55 5.01 20.52
N SER A 86 -5.82 5.44 20.45
CA SER A 86 -6.13 6.76 19.95
C SER A 86 -5.85 7.88 20.95
N ASP A 87 -5.57 7.56 22.21
CA ASP A 87 -5.21 8.57 23.19
C ASP A 87 -3.72 8.60 23.45
N GLU A 88 -2.96 7.71 22.85
CA GLU A 88 -1.52 7.73 23.06
C GLU A 88 -0.89 8.80 22.17
N PRO A 89 0.12 9.51 22.68
CA PRO A 89 0.67 10.64 21.92
C PRO A 89 1.28 10.28 20.58
N GLN A 90 1.55 8.99 20.32
CA GLN A 90 2.10 8.55 19.03
C GLN A 90 1.04 7.89 18.13
N TRP A 91 -0.24 8.07 18.47
CA TRP A 91 -1.36 7.54 17.71
C TRP A 91 -1.23 7.82 16.22
N LEU A 92 -1.45 6.78 15.41
CA LEU A 92 -1.26 6.90 13.97
C LEU A 92 -2.54 7.31 13.24
N GLY A 93 -3.62 7.63 13.97
CA GLY A 93 -4.90 7.86 13.33
C GLY A 93 -4.88 8.99 12.31
N TRP A 94 -4.11 10.05 12.57
CA TRP A 94 -4.10 11.13 11.60
C TRP A 94 -3.57 10.66 10.26
N LEU A 95 -2.48 9.89 10.26
CA LEU A 95 -1.94 9.38 9.00
C LEU A 95 -2.96 8.48 8.31
N GLY A 96 -3.61 7.61 9.09
CA GLY A 96 -4.63 6.75 8.51
C GLY A 96 -5.70 7.52 7.77
N ARG A 97 -6.20 8.61 8.38
CA ARG A 97 -7.26 9.37 7.71
C ARG A 97 -6.71 10.19 6.56
N HIS A 98 -5.46 10.68 6.68
CA HIS A 98 -4.81 11.31 5.54
C HIS A 98 -4.71 10.35 4.36
N ILE A 99 -4.38 9.09 4.64
CA ILE A 99 -4.35 8.06 3.61
C ILE A 99 -5.74 7.79 3.06
N ASP A 100 -6.71 7.54 3.94
CA ASP A 100 -8.04 7.16 3.44
C ASP A 100 -8.67 8.24 2.59
N THR A 101 -8.59 9.51 3.02
CA THR A 101 -9.32 10.61 2.41
C THR A 101 -8.56 11.30 1.28
N PHE A 102 -7.25 11.11 1.20
CA PHE A 102 -6.43 11.93 0.31
C PHE A 102 -5.40 11.11 -0.47
N LEU A 103 -4.41 10.53 0.20
CA LEU A 103 -3.30 9.91 -0.54
C LEU A 103 -3.71 8.63 -1.28
N TYR A 104 -4.48 7.76 -0.63
CA TYR A 104 -4.87 6.52 -1.32
C TYR A 104 -5.67 6.82 -2.58
N PRO A 105 -6.69 7.69 -2.56
CA PRO A 105 -7.39 7.96 -3.83
C PRO A 105 -6.47 8.53 -4.90
N LEU A 106 -5.56 9.43 -4.55
CA LEU A 106 -4.68 10.05 -5.54
C LEU A 106 -3.72 9.03 -6.15
N TRP A 107 -3.13 8.15 -5.32
CA TRP A 107 -2.23 7.17 -5.89
C TRP A 107 -2.95 6.18 -6.79
N GLY A 108 -4.27 6.05 -6.66
CA GLY A 108 -5.02 5.25 -7.60
C GLY A 108 -4.79 5.72 -9.03
N GLU A 109 -4.50 7.01 -9.21
CA GLU A 109 -4.29 7.60 -10.52
C GLU A 109 -2.82 7.97 -10.74
N LEU A 110 -1.89 7.23 -10.13
CA LEU A 110 -0.48 7.48 -10.35
C LEU A 110 -0.12 7.41 -11.83
N LYS A 111 -0.70 6.45 -12.56
CA LYS A 111 -0.36 6.29 -13.98
C LYS A 111 -0.60 7.59 -14.73
N THR A 112 -1.71 8.25 -14.46
CA THR A 112 -2.03 9.49 -15.16
C THR A 112 -1.17 10.65 -14.67
N ALA A 113 -0.79 10.63 -13.39
CA ALA A 113 0.10 11.67 -12.87
C ALA A 113 1.46 11.60 -13.53
N VAL A 114 1.93 10.39 -13.83
CA VAL A 114 3.20 10.28 -14.53
C VAL A 114 3.02 10.65 -16.00
N ARG A 115 1.87 10.27 -16.57
CA ARG A 115 1.62 10.59 -17.97
C ARG A 115 1.56 12.10 -18.17
N ASN A 116 1.03 12.84 -17.19
CA ASN A 116 0.82 14.28 -17.34
C ASN A 116 1.77 15.15 -16.52
N ASP A 117 2.61 14.54 -15.68
CA ASP A 117 3.41 15.26 -14.67
C ASP A 117 2.58 16.32 -13.97
N ALA A 118 1.46 15.88 -13.38
CA ALA A 118 0.55 16.80 -12.70
C ALA A 118 -0.20 16.05 -11.62
N HIS A 119 -0.63 16.80 -10.60
CA HIS A 119 -1.44 16.24 -9.53
C HIS A 119 -2.75 15.70 -10.08
N GLN A 120 -3.38 14.80 -9.32
CA GLN A 120 -4.65 14.23 -9.73
C GLN A 120 -5.81 14.70 -8.85
N ARG A 121 -5.67 15.86 -8.19
CA ARG A 121 -6.74 16.32 -7.31
C ARG A 121 -8.02 16.64 -8.09
N ARG A 122 -7.90 17.11 -9.33
CA ARG A 122 -9.08 17.41 -10.15
C ARG A 122 -9.78 16.12 -10.57
N THR A 123 -9.04 15.24 -11.25
CA THR A 123 -9.46 13.88 -11.51
C THR A 123 -10.18 13.26 -10.31
N VAL A 124 -9.48 13.21 -9.18
CA VAL A 124 -9.91 12.35 -8.08
C VAL A 124 -10.99 13.01 -7.23
N PHE A 125 -10.87 14.31 -6.94
CA PHE A 125 -11.77 14.97 -6.00
C PHE A 125 -12.70 15.99 -6.66
N GLY A 126 -12.57 16.24 -7.95
CA GLY A 126 -13.31 17.33 -8.58
C GLY A 126 -12.94 18.70 -8.06
N ASP A 127 -11.71 18.86 -7.56
CA ASP A 127 -11.23 20.11 -6.96
C ASP A 127 -10.24 20.73 -7.93
N ASP A 128 -10.61 21.85 -8.55
CA ASP A 128 -9.71 22.50 -9.50
C ASP A 128 -8.92 23.64 -8.86
N ARG A 129 -8.82 23.67 -7.53
CA ARG A 129 -8.02 24.67 -6.85
C ARG A 129 -6.55 24.26 -6.83
N SER A 130 -5.67 25.27 -6.77
CA SER A 130 -4.24 25.01 -6.70
C SER A 130 -3.86 24.50 -5.31
N TRP A 131 -2.70 23.82 -5.25
CA TRP A 131 -2.21 23.35 -3.97
C TRP A 131 -2.07 24.50 -2.99
N PHE A 132 -1.47 25.60 -3.44
CA PHE A 132 -1.37 26.79 -2.60
C PHE A 132 -2.74 27.25 -2.12
N ASP A 133 -3.75 27.23 -3.00
CA ASP A 133 -5.10 27.62 -2.59
C ASP A 133 -5.60 26.78 -1.44
N ILE A 134 -5.52 25.44 -1.59
CA ILE A 134 -6.10 24.53 -0.60
C ILE A 134 -5.42 24.72 0.75
N LEU A 135 -4.12 24.97 0.76
CA LEU A 135 -3.37 25.11 2.00
C LEU A 135 -3.69 26.43 2.70
N TYR A 136 -3.65 27.53 1.94
CA TYR A 136 -3.93 28.86 2.49
C TYR A 136 -5.34 28.94 3.05
N GLN A 137 -6.28 28.21 2.45
CA GLN A 137 -7.68 28.22 2.84
C GLN A 137 -7.99 27.32 4.05
N ASN A 138 -7.13 26.35 4.36
CA ASN A 138 -7.42 25.38 5.41
C ASN A 138 -6.28 25.34 6.42
N PRO A 139 -6.15 26.37 7.27
CA PRO A 139 -5.10 26.35 8.29
C PRO A 139 -5.32 25.32 9.38
N ASP A 140 -6.57 24.87 9.61
CA ASP A 140 -6.79 23.81 10.59
C ASP A 140 -6.17 22.50 10.13
N ASP A 141 -6.44 22.11 8.89
CA ASP A 141 -5.82 20.91 8.34
C ASP A 141 -4.29 21.03 8.37
N VAL A 142 -3.76 22.22 8.13
CA VAL A 142 -2.32 22.40 8.12
C VAL A 142 -1.76 22.20 9.52
N ALA A 143 -2.44 22.74 10.53
CA ALA A 143 -2.03 22.57 11.91
C ALA A 143 -2.10 21.09 12.33
N ASP A 144 -3.20 20.41 12.01
CA ASP A 144 -3.29 18.97 12.31
C ASP A 144 -2.14 18.22 11.66
N PHE A 145 -1.82 18.57 10.42
CA PHE A 145 -0.72 17.94 9.72
C PHE A 145 0.59 18.17 10.44
N GLN A 146 0.85 19.42 10.82
CA GLN A 146 2.15 19.76 11.38
C GLN A 146 2.31 19.16 12.78
N GLU A 147 1.23 19.07 13.54
CA GLU A 147 1.32 18.46 14.86
C GLU A 147 1.53 16.95 14.74
N PHE A 148 0.95 16.30 13.74
CA PHE A 148 1.31 14.91 13.49
C PHE A 148 2.79 14.76 13.14
N LEU A 149 3.25 15.55 12.17
CA LEU A 149 4.66 15.48 11.77
C LEU A 149 5.59 15.77 12.94
N GLY A 150 5.18 16.66 13.84
CA GLY A 150 6.03 17.03 14.96
C GLY A 150 6.45 15.83 15.78
N LYS A 151 5.52 14.89 15.99
CA LYS A 151 5.84 13.65 16.69
C LYS A 151 6.99 12.92 16.01
N PHE A 152 6.90 12.74 14.69
CA PHE A 152 7.93 12.01 13.96
C PHE A 152 9.25 12.74 13.93
N ALA A 153 9.25 14.05 14.10
CA ALA A 153 10.46 14.84 13.91
C ALA A 153 11.38 14.79 15.11
N ALA A 154 11.01 14.06 16.16
CA ALA A 154 11.82 14.01 17.38
C ALA A 154 13.27 13.61 17.11
N PRO A 155 13.59 12.56 16.32
CA PRO A 155 15.01 12.27 16.07
C PRO A 155 15.72 13.36 15.29
N PHE A 156 15.04 14.04 14.36
CA PHE A 156 15.69 15.18 13.69
C PHE A 156 15.99 16.28 14.69
N ILE A 157 15.01 16.63 15.52
CA ILE A 157 15.17 17.76 16.43
C ILE A 157 16.28 17.47 17.43
N ALA A 158 16.24 16.28 18.04
CA ALA A 158 17.30 15.88 18.97
C ALA A 158 18.67 15.92 18.32
N GLY A 159 18.78 15.43 17.07
CA GLY A 159 20.07 15.42 16.41
C GLY A 159 20.51 16.79 15.94
N PHE A 160 19.56 17.66 15.60
CA PHE A 160 19.88 19.05 15.29
C PHE A 160 20.41 19.77 16.53
N VAL A 161 19.66 19.71 17.63
CA VAL A 161 20.09 20.36 18.87
C VAL A 161 21.44 19.83 19.34
N ARG A 162 21.72 18.54 19.12
CA ARG A 162 22.93 17.93 19.67
C ARG A 162 24.14 18.12 18.75
N ASP A 163 23.97 17.98 17.43
CA ASP A 163 25.07 18.00 16.49
C ASP A 163 25.42 19.37 15.94
N TYR A 164 24.53 20.36 16.05
CA TYR A 164 24.81 21.70 15.57
C TYR A 164 24.94 22.65 16.75
N ASP A 165 25.98 23.47 16.71
CA ASP A 165 26.32 24.41 17.80
C ASP A 165 25.45 25.67 17.71
N PHE A 166 24.37 25.71 18.50
CA PHE A 166 23.44 26.89 18.51
C PHE A 166 24.02 28.01 19.38
N SER A 167 25.01 27.69 20.21
CA SER A 167 25.68 28.65 21.12
C SER A 167 26.44 29.74 20.34
N GLN A 168 26.84 29.42 19.10
CA GLN A 168 27.61 30.34 18.21
C GLN A 168 26.73 31.47 17.67
N HIS A 169 25.41 31.29 17.69
CA HIS A 169 24.45 32.29 17.15
C HIS A 169 23.83 33.11 18.27
N ARG A 170 23.32 34.30 17.95
CA ARG A 170 22.69 35.17 18.97
C ARG A 170 21.16 35.10 18.89
N ALA A 171 20.61 34.81 17.70
CA ALA A 171 19.16 34.87 17.53
C ALA A 171 18.80 33.92 16.41
N PHE A 172 17.95 32.95 16.72
CA PHE A 172 17.54 31.92 15.79
C PHE A 172 16.05 32.08 15.50
N LEU A 173 15.70 31.93 14.22
CA LEU A 173 14.31 32.03 13.80
C LEU A 173 13.96 30.83 12.92
N ASP A 174 12.82 30.21 13.22
CA ASP A 174 12.35 29.02 12.51
C ASP A 174 11.17 29.43 11.64
N ILE A 175 11.30 29.22 10.34
CA ILE A 175 10.27 29.65 9.40
C ILE A 175 9.23 28.55 9.25
N GLY A 176 7.99 28.86 9.62
CA GLY A 176 6.90 27.97 9.33
C GLY A 176 6.87 26.73 10.21
N SER A 177 7.43 26.83 11.41
CA SER A 177 7.27 25.82 12.46
C SER A 177 5.81 25.38 12.55
N GLY A 178 5.60 24.07 12.61
CA GLY A 178 4.27 23.65 12.96
C GLY A 178 3.91 24.11 14.35
N ILE A 179 4.62 23.57 15.34
CA ILE A 179 4.14 23.64 16.71
C ILE A 179 5.23 24.13 17.66
N GLY A 180 6.36 24.57 17.13
CA GLY A 180 7.39 25.16 17.98
C GLY A 180 8.34 24.17 18.65
N SER A 181 8.29 22.90 18.24
CA SER A 181 9.07 21.84 18.90
C SER A 181 10.56 22.08 18.82
N LEU A 182 11.05 22.56 17.68
CA LEU A 182 12.49 22.73 17.53
C LEU A 182 12.99 23.90 18.36
N PRO A 183 12.43 25.11 18.28
CA PRO A 183 12.95 26.18 19.15
C PRO A 183 12.72 25.92 20.62
N MET A 184 11.70 25.14 21.00
CA MET A 184 11.60 24.71 22.39
C MET A 184 12.80 23.85 22.79
N ALA A 185 13.18 22.88 21.96
CA ALA A 185 14.32 22.03 22.29
C ALA A 185 15.60 22.84 22.36
N ILE A 186 15.73 23.86 21.48
CA ILE A 186 16.89 24.74 21.52
C ILE A 186 16.92 25.50 22.85
N ALA A 187 15.79 26.12 23.22
CA ALA A 187 15.68 26.84 24.49
C ALA A 187 16.05 25.95 25.67
N ASP A 188 15.66 24.68 25.62
CA ASP A 188 15.90 23.79 26.75
C ASP A 188 17.39 23.50 26.94
N ALA A 189 18.19 23.64 25.88
CA ALA A 189 19.61 23.30 25.89
C ALA A 189 20.52 24.51 25.73
N TYR A 190 19.98 25.67 25.34
CA TYR A 190 20.80 26.86 25.03
C TYR A 190 20.11 28.08 25.62
N PRO A 191 20.47 28.45 26.86
CA PRO A 191 19.65 29.45 27.58
C PRO A 191 19.84 30.88 27.10
N GLY A 192 20.89 31.19 26.36
CA GLY A 192 21.16 32.57 26.03
C GLY A 192 20.80 33.01 24.63
N ILE A 193 20.30 32.12 23.77
CA ILE A 193 20.06 32.47 22.38
C ILE A 193 18.63 32.99 22.22
N ALA A 194 18.47 34.07 21.46
CA ALA A 194 17.14 34.59 21.18
C ALA A 194 16.43 33.70 20.17
N LEU A 195 15.11 33.62 20.29
CA LEU A 195 14.36 32.61 19.58
C LEU A 195 13.04 33.16 19.05
N ALA A 196 12.68 32.73 17.85
CA ALA A 196 11.48 33.24 17.20
C ALA A 196 10.98 32.21 16.20
N ILE A 197 9.69 32.27 15.93
CA ILE A 197 9.10 31.53 14.82
C ILE A 197 8.37 32.52 13.93
N CYS A 198 8.53 32.38 12.63
CA CYS A 198 7.79 33.16 11.64
C CYS A 198 6.62 32.34 11.09
N GLU A 199 5.39 32.83 11.28
CA GLU A 199 4.19 32.13 10.83
C GLU A 199 3.36 33.05 9.94
N LEU A 200 2.58 32.43 9.05
CA LEU A 200 1.58 33.17 8.30
C LEU A 200 0.66 33.90 9.28
N PRO A 201 0.21 35.11 8.95
CA PRO A 201 -0.68 35.85 9.87
C PRO A 201 -1.90 35.05 10.33
N GLN A 202 -2.36 34.07 9.56
CA GLN A 202 -3.49 33.25 10.00
C GLN A 202 -3.08 32.25 11.08
N ALA A 203 -1.92 31.62 10.92
CA ALA A 203 -1.47 30.58 11.84
C ALA A 203 -0.83 31.10 13.12
N SER A 204 -0.63 32.42 13.24
CA SER A 204 0.29 32.93 14.27
C SER A 204 -0.34 32.91 15.66
N ALA A 205 -1.58 33.42 15.79
CA ALA A 205 -2.23 33.46 17.10
C ALA A 205 -2.36 32.07 17.70
N PHE A 206 -2.64 31.06 16.87
CA PHE A 206 -2.80 29.69 17.37
C PHE A 206 -1.48 29.17 17.94
N LEU A 207 -0.38 29.36 17.21
CA LEU A 207 0.92 28.95 17.70
C LEU A 207 1.30 29.73 18.95
N ARG A 208 0.99 31.03 18.97
CA ARG A 208 1.24 31.82 20.17
C ARG A 208 0.51 31.22 21.37
N ASP A 209 -0.74 30.79 21.17
CA ASP A 209 -1.50 30.18 22.24
C ASP A 209 -0.87 28.87 22.69
N LYS A 210 -0.41 28.05 21.73
CA LYS A 210 0.20 26.77 22.09
C LYS A 210 1.50 26.99 22.84
N LEU A 211 2.34 27.93 22.36
CA LEU A 211 3.59 28.23 23.05
C LEU A 211 3.33 28.74 24.45
N THR A 212 2.31 29.59 24.61
CA THR A 212 2.00 30.12 25.94
C THR A 212 1.54 29.03 26.89
N LEU A 213 0.72 28.09 26.40
CA LEU A 213 0.22 27.03 27.26
C LEU A 213 1.36 26.16 27.78
N GLN A 214 2.40 25.94 26.95
CA GLN A 214 3.53 25.12 27.35
C GLN A 214 4.54 25.87 28.20
N GLY A 215 4.38 27.19 28.35
CA GLY A 215 5.24 28.01 29.18
C GLY A 215 6.36 28.72 28.45
N TYR A 216 6.30 28.79 27.10
CA TYR A 216 7.38 29.32 26.28
C TYR A 216 6.97 30.62 25.59
N GLY A 217 5.87 31.23 26.00
CA GLY A 217 5.36 32.40 25.30
C GLY A 217 6.26 33.62 25.41
N GLU A 218 7.03 33.73 26.49
CA GLU A 218 8.01 34.81 26.57
C GLU A 218 9.37 34.42 26.03
N ARG A 219 9.68 33.13 26.00
CA ARG A 219 10.98 32.67 25.55
C ARG A 219 11.10 32.67 24.02
N ILE A 220 9.99 32.46 23.31
CA ILE A 220 9.98 32.27 21.86
C ILE A 220 8.97 33.23 21.25
N ASP A 221 9.44 34.18 20.46
CA ASP A 221 8.53 35.12 19.81
C ASP A 221 7.90 34.51 18.56
N VAL A 222 6.68 34.93 18.27
CA VAL A 222 6.02 34.60 17.02
C VAL A 222 5.93 35.89 16.23
N VAL A 223 6.55 35.91 15.06
CA VAL A 223 6.42 37.03 14.14
C VAL A 223 5.66 36.57 12.91
N GLU A 224 5.08 37.52 12.22
CA GLU A 224 4.23 37.20 11.08
C GLU A 224 4.96 37.53 9.79
N GLY A 225 4.70 36.71 8.78
CA GLY A 225 5.40 36.83 7.52
C GLY A 225 4.93 35.79 6.54
N ASP A 226 5.59 35.79 5.38
CA ASP A 226 5.17 34.99 4.24
C ASP A 226 6.41 34.70 3.40
N VAL A 227 6.83 33.45 3.34
CA VAL A 227 7.98 33.11 2.50
C VAL A 227 7.66 33.25 1.02
N ILE A 228 6.39 33.10 0.63
CA ILE A 228 6.06 33.18 -0.79
C ILE A 228 6.13 34.62 -1.28
N SER A 229 5.36 35.51 -0.66
CA SER A 229 5.45 36.91 -1.06
C SER A 229 6.77 37.53 -0.65
N GLY A 230 7.51 36.89 0.28
CA GLY A 230 8.80 37.40 0.67
C GLY A 230 8.76 38.44 1.77
N ASP A 231 7.59 38.68 2.35
CA ASP A 231 7.41 39.58 3.48
C ASP A 231 7.93 38.86 4.72
N LEU A 232 9.21 39.05 5.03
CA LEU A 232 9.91 38.28 6.05
C LEU A 232 10.63 39.23 7.00
N PRO A 233 10.03 39.58 8.13
CA PRO A 233 10.72 40.44 9.11
C PRO A 233 11.72 39.63 9.91
N ILE A 234 12.77 39.18 9.24
CA ILE A 234 13.70 38.22 9.81
C ILE A 234 15.12 38.79 9.87
N GLY A 235 15.26 40.11 9.75
CA GLY A 235 16.57 40.74 9.68
C GLY A 235 17.38 40.69 10.96
N GLY A 236 16.72 40.56 12.10
CA GLY A 236 17.47 40.52 13.34
C GLY A 236 17.90 39.12 13.77
N TYR A 237 17.96 38.16 12.85
CA TYR A 237 18.22 36.77 13.22
C TYR A 237 19.39 36.24 12.41
N ASP A 238 20.51 35.96 13.08
CA ASP A 238 21.72 35.51 12.40
C ASP A 238 21.69 34.01 12.06
N LEU A 239 20.68 33.27 12.51
CA LEU A 239 20.45 31.89 12.06
C LEU A 239 18.98 31.74 11.71
N ILE A 240 18.69 31.30 10.47
CA ILE A 240 17.34 31.09 9.98
C ILE A 240 17.22 29.66 9.50
N HIS A 241 16.11 29.01 9.84
CA HIS A 241 15.90 27.61 9.49
C HIS A 241 14.55 27.44 8.84
N LEU A 242 14.51 26.60 7.81
CA LEU A 242 13.29 26.26 7.09
C LEU A 242 13.19 24.74 7.13
N GLY A 243 12.21 24.24 7.87
CA GLY A 243 12.12 22.81 8.12
C GLY A 243 11.32 22.01 7.11
N TRP A 244 12.01 21.32 6.19
CA TRP A 244 11.41 20.30 5.33
C TRP A 244 10.26 20.85 4.48
N MET A 245 10.47 22.04 3.89
CA MET A 245 9.44 22.69 3.09
C MET A 245 9.78 22.77 1.60
N LEU A 246 11.06 22.76 1.23
CA LEU A 246 11.43 23.00 -0.15
C LEU A 246 10.82 21.95 -1.06
N HIS A 247 10.87 20.67 -0.66
CA HIS A 247 10.38 19.60 -1.50
C HIS A 247 8.87 19.64 -1.71
N ASP A 248 8.15 20.54 -1.04
CA ASP A 248 6.73 20.70 -1.32
C ASP A 248 6.47 21.48 -2.59
N TYR A 249 7.49 22.11 -3.17
CA TYR A 249 7.33 23.05 -4.27
C TYR A 249 8.23 22.67 -5.44
N ALA A 250 7.83 23.13 -6.63
CA ALA A 250 8.67 22.98 -7.80
C ALA A 250 9.99 23.73 -7.57
N PRO A 251 11.06 23.26 -8.20
CA PRO A 251 12.36 23.96 -8.08
C PRO A 251 12.32 25.46 -8.33
N GLU A 252 11.57 25.90 -9.34
CA GLU A 252 11.46 27.32 -9.62
C GLU A 252 10.85 28.07 -8.45
N THR A 253 9.84 27.48 -7.80
CA THR A 253 9.29 28.08 -6.59
C THR A 253 10.28 27.97 -5.43
N GLN A 254 11.01 26.87 -5.35
CA GLN A 254 12.05 26.77 -4.34
C GLN A 254 13.03 27.93 -4.47
N LEU A 255 13.40 28.27 -5.71
CA LEU A 255 14.30 29.39 -5.94
C LEU A 255 13.70 30.69 -5.43
N THR A 256 12.40 30.89 -5.65
CA THR A 256 11.75 32.12 -5.18
C THR A 256 11.78 32.21 -3.66
N ILE A 257 11.41 31.12 -2.98
CA ILE A 257 11.46 31.07 -1.52
C ILE A 257 12.87 31.39 -1.03
N LEU A 258 13.89 30.75 -1.64
CA LEU A 258 15.26 30.90 -1.17
C LEU A 258 15.77 32.31 -1.43
N ARG A 259 15.44 32.87 -2.60
CA ARG A 259 15.78 34.25 -2.87
C ARG A 259 15.05 35.19 -1.92
N ASN A 260 13.79 34.87 -1.59
CA ASN A 260 13.03 35.72 -0.67
C ASN A 260 13.69 35.74 0.70
N ILE A 261 14.11 34.56 1.20
CA ILE A 261 14.79 34.52 2.49
C ILE A 261 16.15 35.20 2.41
N TYR A 262 16.90 34.96 1.34
CA TYR A 262 18.21 35.58 1.19
C TYR A 262 18.10 37.09 1.26
N ARG A 263 17.12 37.67 0.56
CA ARG A 263 16.97 39.12 0.53
C ARG A 263 16.69 39.67 1.91
N ALA A 264 15.91 38.93 2.71
CA ALA A 264 15.47 39.41 4.01
C ALA A 264 16.48 39.15 5.12
N MET A 265 17.46 38.27 4.91
CA MET A 265 18.40 37.89 5.95
C MET A 265 19.33 39.04 6.29
N PRO A 266 19.87 39.06 7.51
CA PRO A 266 20.92 40.04 7.82
C PRO A 266 22.19 39.71 7.06
N ALA A 267 23.00 40.73 6.83
CA ALA A 267 24.31 40.50 6.22
C ALA A 267 25.14 39.60 7.12
N GLY A 268 25.87 38.68 6.51
CA GLY A 268 26.61 37.71 7.28
C GLY A 268 25.78 36.65 7.95
N GLY A 269 24.45 36.64 7.74
CA GLY A 269 23.60 35.67 8.39
C GLY A 269 23.76 34.29 7.79
N ARG A 270 23.28 33.29 8.53
CA ARG A 270 23.30 31.90 8.10
C ARG A 270 21.88 31.38 7.90
N PHE A 271 21.69 30.57 6.87
CA PHE A 271 20.39 29.96 6.61
C PHE A 271 20.58 28.45 6.47
N ILE A 272 19.67 27.69 7.08
CA ILE A 272 19.70 26.24 7.01
C ILE A 272 18.33 25.75 6.58
N ALA A 273 18.27 24.92 5.56
CA ALA A 273 17.07 24.15 5.24
C ALA A 273 17.34 22.70 5.63
N SER A 274 16.42 22.10 6.38
CA SER A 274 16.50 20.66 6.66
C SER A 274 15.62 19.94 5.63
N GLU A 275 16.20 18.98 4.93
CA GLU A 275 15.48 18.21 3.91
C GLU A 275 15.92 16.76 4.02
N THR A 276 15.24 15.90 3.24
CA THR A 276 15.58 14.48 3.10
C THR A 276 15.96 14.25 1.65
N PRO A 277 17.20 14.52 1.26
CA PRO A 277 17.57 14.42 -0.16
C PRO A 277 17.63 12.99 -0.65
N LEU A 278 17.42 12.84 -1.95
CA LEU A 278 17.88 11.65 -2.64
C LEU A 278 19.40 11.55 -2.52
N ASN A 279 19.91 10.32 -2.62
CA ASN A 279 21.35 10.12 -2.49
C ASN A 279 22.07 10.61 -3.74
N GLU A 280 23.38 10.35 -3.77
CA GLU A 280 24.28 10.99 -4.73
C GLU A 280 23.94 10.63 -6.17
N ASP A 281 23.62 9.36 -6.44
CA ASP A 281 23.24 8.94 -7.79
C ASP A 281 21.73 8.84 -7.97
N LYS A 282 20.96 9.47 -7.08
CA LYS A 282 19.49 9.47 -7.16
C LYS A 282 18.95 8.06 -7.38
N SER A 283 19.42 7.14 -6.53
CA SER A 283 18.99 5.75 -6.52
C SER A 283 18.15 5.41 -5.30
N GLY A 284 17.88 6.38 -4.45
CA GLY A 284 17.19 6.15 -3.21
C GLY A 284 17.43 7.34 -2.31
N PRO A 285 17.20 7.19 -1.00
CA PRO A 285 16.67 5.96 -0.40
C PRO A 285 15.21 5.68 -0.77
N GLU A 286 14.71 4.52 -0.40
CA GLU A 286 13.45 4.05 -0.97
C GLU A 286 12.28 4.94 -0.57
N PHE A 287 12.12 5.20 0.73
CA PHE A 287 10.96 5.99 1.13
C PHE A 287 10.98 7.37 0.49
N THR A 288 12.15 8.01 0.42
CA THR A 288 12.26 9.33 -0.20
C THR A 288 11.94 9.29 -1.69
N ALA A 289 12.40 8.25 -2.38
CA ALA A 289 12.03 8.08 -3.77
C ALA A 289 10.51 8.00 -3.94
N LEU A 290 9.85 7.27 -3.04
CA LEU A 290 8.39 7.16 -3.12
C LEU A 290 7.71 8.43 -2.64
N LEU A 291 8.34 9.13 -1.69
CA LEU A 291 7.81 10.41 -1.25
C LEU A 291 7.76 11.39 -2.42
N SER A 292 8.74 11.32 -3.32
CA SER A 292 8.73 12.15 -4.52
C SER A 292 7.48 11.89 -5.35
N LEU A 293 7.13 10.62 -5.55
CA LEU A 293 5.91 10.28 -6.28
C LEU A 293 4.67 10.79 -5.53
N ASN A 294 4.69 10.74 -4.19
CA ASN A 294 3.60 11.29 -3.41
C ASN A 294 3.47 12.80 -3.65
N MET A 295 4.59 13.50 -3.80
CA MET A 295 4.53 14.91 -4.13
C MET A 295 3.94 15.12 -5.52
N LEU A 296 4.28 14.22 -6.46
CA LEU A 296 3.78 14.32 -7.82
C LEU A 296 2.26 14.25 -7.85
N VAL A 297 1.67 13.27 -7.16
CA VAL A 297 0.24 13.03 -7.30
C VAL A 297 -0.59 14.03 -6.50
N SER A 298 0.00 14.68 -5.51
CA SER A 298 -0.75 15.43 -4.52
C SER A 298 -0.52 16.94 -4.54
N THR A 299 0.65 17.40 -4.97
CA THR A 299 0.99 18.82 -4.93
C THR A 299 1.11 19.35 -6.35
N ASP A 300 1.37 20.65 -6.47
CA ASP A 300 1.38 21.20 -7.81
C ASP A 300 2.71 21.00 -8.53
N GLY A 301 3.81 20.84 -7.80
CA GLY A 301 5.09 20.55 -8.44
C GLY A 301 6.16 20.06 -7.50
N GLY A 302 5.76 19.64 -6.31
CA GLY A 302 6.72 19.10 -5.35
C GLY A 302 7.47 17.90 -5.91
N ILE A 303 8.70 17.73 -5.39
CA ILE A 303 9.66 16.75 -5.87
C ILE A 303 10.78 16.64 -4.84
N GLU A 304 11.44 15.49 -4.76
CA GLU A 304 12.65 15.35 -3.98
C GLU A 304 13.86 15.59 -4.90
N SER A 305 14.96 16.06 -4.31
CA SER A 305 16.15 16.43 -5.06
C SER A 305 17.39 15.85 -4.37
N SER A 306 18.48 15.76 -5.13
CA SER A 306 19.76 15.38 -4.54
C SER A 306 20.31 16.54 -3.70
N ALA A 307 21.25 16.20 -2.82
CA ALA A 307 21.99 17.23 -2.09
C ALA A 307 22.58 18.26 -3.04
N GLN A 308 23.24 17.79 -4.09
CA GLN A 308 23.86 18.72 -5.06
C GLN A 308 22.83 19.63 -5.68
N GLU A 309 21.66 19.09 -6.01
CA GLU A 309 20.60 19.93 -6.58
C GLU A 309 20.19 21.02 -5.60
N TYR A 310 20.13 20.71 -4.30
CA TYR A 310 19.85 21.74 -3.31
C TYR A 310 20.99 22.74 -3.21
N LEU A 311 22.24 22.26 -3.25
CA LEU A 311 23.37 23.18 -3.25
C LEU A 311 23.29 24.15 -4.42
N ASP A 312 22.97 23.62 -5.62
CA ASP A 312 22.86 24.48 -6.80
C ASP A 312 21.81 25.55 -6.60
N ARG A 313 20.67 25.20 -5.98
CA ARG A 313 19.60 26.18 -5.77
C ARG A 313 20.00 27.21 -4.73
N PHE A 314 20.72 26.79 -3.67
CA PHE A 314 21.24 27.76 -2.71
C PHE A 314 22.12 28.79 -3.41
N ARG A 315 23.07 28.33 -4.24
CA ARG A 315 23.98 29.25 -4.91
C ARG A 315 23.23 30.18 -5.86
N LEU A 316 22.34 29.61 -6.68
CA LEU A 316 21.54 30.41 -7.61
C LEU A 316 20.73 31.47 -6.88
N ALA A 317 20.34 31.21 -5.63
CA ALA A 317 19.60 32.16 -4.83
C ALA A 317 20.50 33.19 -4.15
N GLY A 318 21.82 33.07 -4.29
CA GLY A 318 22.73 34.08 -3.79
C GLY A 318 23.57 33.69 -2.60
N PHE A 319 23.34 32.51 -2.03
CA PHE A 319 24.06 32.11 -0.83
C PHE A 319 25.51 31.77 -1.14
N SER A 320 26.38 32.10 -0.19
CA SER A 320 27.79 31.76 -0.26
C SER A 320 28.08 30.54 0.60
N ASN A 321 29.15 29.82 0.25
CA ASN A 321 29.63 28.66 1.00
C ASN A 321 28.58 27.56 1.12
N ALA A 322 27.72 27.44 0.12
CA ALA A 322 26.68 26.42 0.15
C ALA A 322 27.28 25.04 0.41
N ARG A 323 26.83 24.37 1.46
CA ARG A 323 27.41 23.08 1.82
C ARG A 323 26.38 22.22 2.53
N ILE A 324 26.71 20.92 2.63
CA ILE A 324 25.94 19.93 3.34
C ILE A 324 26.49 19.79 4.75
N MET A 325 25.59 19.65 5.72
CA MET A 325 25.99 19.29 7.08
C MET A 325 25.13 18.09 7.48
N LYS A 326 25.80 16.95 7.65
CA LYS A 326 25.12 15.74 8.11
C LYS A 326 24.91 15.82 9.61
N ILE A 327 23.74 15.36 10.05
CA ILE A 327 23.40 15.30 11.47
C ILE A 327 22.66 13.98 11.71
N ALA A 328 22.61 13.59 12.99
CA ALA A 328 21.78 12.45 13.35
C ALA A 328 20.32 12.73 13.01
N GLY A 329 19.58 11.66 12.73
CA GLY A 329 18.18 11.79 12.36
C GLY A 329 17.99 11.64 10.87
N PRO A 330 16.73 11.71 10.43
CA PRO A 330 16.45 11.46 9.01
C PRO A 330 16.67 12.66 8.10
N ARG A 331 16.91 13.85 8.63
CA ARG A 331 17.10 15.00 7.76
C ARG A 331 18.59 15.29 7.53
N THR A 332 18.84 16.04 6.47
CA THR A 332 20.15 16.54 6.11
C THR A 332 20.07 18.07 6.06
N LEU A 333 21.11 18.73 6.57
CA LEU A 333 21.11 20.19 6.62
C LEU A 333 21.78 20.74 5.36
N ILE A 334 21.10 21.67 4.69
CA ILE A 334 21.69 22.44 3.61
C ILE A 334 21.89 23.85 4.15
N VAL A 335 23.13 24.33 4.11
CA VAL A 335 23.58 25.50 4.86
C VAL A 335 24.24 26.48 3.91
N GLY A 336 23.97 27.78 4.10
CA GLY A 336 24.62 28.81 3.32
C GLY A 336 24.62 30.13 4.07
N GLU A 337 25.48 31.03 3.62
CA GLU A 337 25.62 32.34 4.26
C GLU A 337 25.36 33.46 3.27
N LYS A 338 24.99 34.62 3.83
CA LYS A 338 24.67 35.81 3.07
C LYS A 338 25.87 36.75 3.15
N LEU A 339 26.51 36.97 2.00
CA LEU A 339 27.58 37.95 1.89
C LEU A 339 27.40 38.76 0.60
N PRO B 2 8.28 -7.71 18.61
CA PRO B 2 7.08 -6.94 18.28
C PRO B 2 7.31 -6.04 17.06
N LEU B 3 6.39 -5.12 16.81
CA LEU B 3 6.48 -4.15 15.74
C LEU B 3 6.60 -2.74 16.32
N THR B 4 7.18 -1.83 15.55
CA THR B 4 7.32 -0.45 15.97
C THR B 4 6.41 0.46 15.15
N LYS B 5 6.35 1.71 15.61
CA LYS B 5 5.67 2.78 14.87
C LYS B 5 6.07 2.79 13.40
N GLN B 6 7.37 2.63 13.13
CA GLN B 6 7.83 2.76 11.76
C GLN B 6 7.38 1.57 10.92
N ASP B 7 7.34 0.37 11.51
CA ASP B 7 6.76 -0.79 10.83
C ASP B 7 5.34 -0.52 10.39
N ALA B 8 4.54 0.07 11.28
CA ALA B 8 3.14 0.32 10.93
C ALA B 8 3.07 1.42 9.88
N VAL B 9 3.86 2.48 10.02
CA VAL B 9 3.88 3.53 9.01
C VAL B 9 4.23 2.96 7.65
N ASN B 10 5.32 2.18 7.58
CA ASN B 10 5.75 1.63 6.30
C ASN B 10 4.68 0.76 5.66
N GLN B 11 3.96 0.00 6.48
CA GLN B 11 2.93 -0.84 5.90
C GLN B 11 1.68 -0.05 5.52
N MET B 12 1.34 0.97 6.32
CA MET B 12 0.22 1.84 5.99
C MET B 12 0.44 2.56 4.66
N MET B 13 1.70 2.69 4.25
CA MET B 13 2.05 3.39 2.98
C MET B 13 2.46 2.38 1.91
N GLY B 14 2.28 1.08 2.15
CA GLY B 14 2.63 0.06 1.18
C GLY B 14 1.91 0.19 -0.15
N PHE B 15 0.79 0.91 -0.18
CA PHE B 15 0.14 1.19 -1.46
C PHE B 15 1.03 2.04 -2.36
N PHE B 16 2.01 2.76 -1.79
CA PHE B 16 3.04 3.44 -2.59
C PHE B 16 3.74 2.46 -3.52
N GLN B 17 4.35 1.42 -2.94
CA GLN B 17 5.06 0.43 -3.74
C GLN B 17 4.14 -0.27 -4.71
N ALA B 18 2.91 -0.59 -4.26
CA ALA B 18 1.99 -1.35 -5.09
C ALA B 18 1.63 -0.57 -6.35
N LYS B 19 1.31 0.72 -6.20
CA LYS B 19 0.95 1.52 -7.37
C LYS B 19 2.16 1.85 -8.24
N ALA B 20 3.37 1.93 -7.66
CA ALA B 20 4.54 2.15 -8.51
C ALA B 20 4.69 1.00 -9.50
N LEU B 21 4.45 -0.23 -9.03
CA LEU B 21 4.53 -1.41 -9.89
C LEU B 21 3.41 -1.45 -10.91
N THR B 22 2.16 -1.20 -10.49
CA THR B 22 1.07 -1.34 -11.45
C THR B 22 1.08 -0.21 -12.48
N ALA B 23 1.39 1.02 -12.04
CA ALA B 23 1.52 2.10 -13.01
C ALA B 23 2.64 1.81 -14.00
N ALA B 24 3.76 1.26 -13.51
CA ALA B 24 4.86 0.91 -14.40
C ALA B 24 4.45 -0.15 -15.41
N LEU B 25 3.67 -1.15 -14.96
CA LEU B 25 3.16 -2.15 -15.88
C LEU B 25 2.18 -1.55 -16.89
N ALA B 26 1.24 -0.75 -16.40
CA ALA B 26 0.25 -0.13 -17.28
C ALA B 26 0.91 0.76 -18.31
N LEU B 27 1.97 1.46 -17.93
CA LEU B 27 2.69 2.33 -18.84
C LEU B 27 3.63 1.58 -19.78
N LYS B 28 3.77 0.26 -19.60
CA LYS B 28 4.73 -0.53 -20.36
C LYS B 28 6.14 0.05 -20.25
N LEU B 29 6.47 0.54 -19.06
CA LEU B 29 7.76 1.19 -18.86
C LEU B 29 8.90 0.19 -19.04
N PHE B 30 8.73 -1.03 -18.54
CA PHE B 30 9.80 -2.03 -18.57
C PHE B 30 10.08 -2.50 -19.98
N ASP B 31 9.08 -2.46 -20.86
CA ASP B 31 9.30 -2.86 -22.25
C ASP B 31 10.34 -1.99 -22.94
N GLN B 32 10.53 -0.75 -22.47
CA GLN B 32 11.52 0.17 -23.02
C GLN B 32 12.94 -0.22 -22.67
N LEU B 33 13.14 -1.23 -21.84
CA LEU B 33 14.47 -1.73 -21.51
C LEU B 33 14.66 -3.15 -22.02
N ARG B 34 13.80 -3.57 -22.96
CA ARG B 34 13.85 -4.94 -23.48
C ARG B 34 15.16 -5.23 -24.20
N ASP B 35 15.65 -4.27 -25.00
CA ASP B 35 16.79 -4.51 -25.87
C ASP B 35 18.02 -3.68 -25.53
N ARG B 36 17.93 -2.71 -24.62
CA ARG B 36 19.06 -1.86 -24.30
C ARG B 36 18.79 -1.14 -22.98
N ASP B 37 19.85 -0.57 -22.42
CA ASP B 37 19.69 0.36 -21.32
C ASP B 37 19.31 1.73 -21.86
N ALA B 38 18.72 2.57 -21.00
CA ALA B 38 18.27 3.89 -21.42
C ALA B 38 18.14 4.81 -20.22
N ASP B 39 18.40 6.10 -20.43
CA ASP B 39 18.25 7.08 -19.37
C ASP B 39 16.80 7.56 -19.30
N ALA B 40 16.50 8.37 -18.30
CA ALA B 40 15.11 8.72 -18.03
C ALA B 40 14.48 9.48 -19.20
N ALA B 41 15.22 10.42 -19.78
CA ALA B 41 14.67 11.21 -20.89
C ALA B 41 14.32 10.33 -22.07
N HIS B 42 15.13 9.31 -22.35
CA HIS B 42 14.87 8.44 -23.48
C HIS B 42 13.73 7.46 -23.20
N ILE B 43 13.61 6.96 -21.97
CA ILE B 43 12.43 6.15 -21.66
C ILE B 43 11.18 7.01 -21.75
N ALA B 44 11.23 8.22 -21.17
CA ALA B 44 10.06 9.10 -21.19
C ALA B 44 9.59 9.37 -22.61
N ALA B 45 10.51 9.67 -23.51
CA ALA B 45 10.13 9.99 -24.89
C ALA B 45 9.31 8.86 -25.50
N ARG B 46 9.84 7.62 -25.41
CA ARG B 46 9.15 6.48 -25.99
C ARG B 46 7.83 6.18 -25.30
N LEU B 47 7.65 6.61 -24.06
CA LEU B 47 6.40 6.38 -23.36
C LEU B 47 5.36 7.46 -23.61
N ASP B 48 5.73 8.51 -24.35
CA ASP B 48 4.86 9.68 -24.53
C ASP B 48 4.54 10.34 -23.19
N CYS B 49 5.51 10.34 -22.28
CA CYS B 49 5.40 10.90 -20.95
C CYS B 49 6.48 11.96 -20.74
N PRO B 50 6.23 12.95 -19.89
CA PRO B 50 7.28 13.94 -19.58
C PRO B 50 8.43 13.31 -18.82
N ALA B 51 9.63 13.91 -19.02
CA ALA B 51 10.85 13.33 -18.45
C ALA B 51 10.88 13.43 -16.94
N ARG B 52 10.43 14.57 -16.39
CA ARG B 52 10.48 14.75 -14.94
C ARG B 52 9.65 13.68 -14.22
N SER B 53 8.40 13.46 -14.65
CA SER B 53 7.54 12.52 -13.94
C SER B 53 7.99 11.07 -14.18
N THR B 54 8.43 10.75 -15.40
CA THR B 54 8.94 9.41 -15.66
C THR B 54 10.19 9.14 -14.81
N GLU B 55 11.06 10.14 -14.69
CA GLU B 55 12.26 9.97 -13.88
C GLU B 55 11.92 9.68 -12.41
N GLN B 56 10.91 10.37 -11.88
CA GLN B 56 10.45 10.05 -10.52
C GLN B 56 10.02 8.60 -10.41
N LEU B 57 9.24 8.10 -11.37
CA LEU B 57 8.83 6.70 -11.31
C LEU B 57 10.02 5.76 -11.51
N LEU B 58 10.98 6.15 -12.37
CA LEU B 58 12.17 5.33 -12.55
C LEU B 58 13.00 5.27 -11.28
N ILE B 59 13.23 6.41 -10.63
CA ILE B 59 14.00 6.44 -9.40
C ILE B 59 13.36 5.55 -8.34
N ALA B 60 12.03 5.59 -8.22
CA ALA B 60 11.40 4.74 -7.22
C ALA B 60 11.59 3.27 -7.54
N LEU B 61 11.56 2.91 -8.84
CA LEU B 61 11.70 1.52 -9.23
C LEU B 61 13.12 1.03 -8.99
N ARG B 62 14.12 1.87 -9.28
CA ARG B 62 15.48 1.52 -8.88
C ARG B 62 15.57 1.35 -7.37
N ALA B 63 14.96 2.26 -6.60
CA ALA B 63 15.07 2.18 -5.14
C ALA B 63 14.35 0.96 -4.60
N MET B 64 13.31 0.50 -5.28
CA MET B 64 12.62 -0.73 -4.88
C MET B 64 13.35 -1.99 -5.33
N GLY B 65 14.40 -1.85 -6.13
CA GLY B 65 15.18 -3.00 -6.56
C GLY B 65 14.75 -3.68 -7.84
N TYR B 66 13.76 -3.12 -8.57
CA TYR B 66 13.29 -3.74 -9.80
C TYR B 66 14.12 -3.33 -11.02
N LEU B 67 14.82 -2.22 -10.93
CA LEU B 67 15.76 -1.78 -11.96
C LEU B 67 17.11 -1.51 -11.32
N ASP B 68 18.15 -1.72 -12.11
CA ASP B 68 19.49 -1.20 -11.82
C ASP B 68 19.67 0.13 -12.52
N GLN B 69 20.67 0.90 -12.07
CA GLN B 69 20.95 2.20 -12.64
C GLN B 69 22.41 2.55 -12.42
N ARG B 70 23.08 2.98 -13.48
CA ARG B 70 24.47 3.42 -13.38
C ARG B 70 24.66 4.58 -14.36
N ASP B 71 25.09 5.73 -13.84
CA ASP B 71 25.34 6.94 -14.64
C ASP B 71 24.11 7.37 -15.43
N GLY B 72 22.94 7.21 -14.81
CA GLY B 72 21.71 7.64 -15.40
C GLY B 72 21.06 6.65 -16.33
N LEU B 73 21.77 5.60 -16.74
CA LEU B 73 21.20 4.58 -17.60
C LEU B 73 20.52 3.52 -16.75
N TYR B 74 19.25 3.28 -17.02
CA TYR B 74 18.50 2.25 -16.31
C TYR B 74 18.66 0.91 -17.03
N HIS B 75 18.78 -0.16 -16.24
CA HIS B 75 18.93 -1.53 -16.75
C HIS B 75 17.86 -2.43 -16.18
N LEU B 76 17.19 -3.19 -17.06
CA LEU B 76 16.28 -4.24 -16.65
C LEU B 76 17.05 -5.52 -16.32
N PRO B 77 17.13 -5.92 -15.05
CA PRO B 77 17.84 -7.17 -14.70
C PRO B 77 17.23 -8.37 -15.41
N ALA B 78 18.11 -9.21 -15.98
CA ALA B 78 17.66 -10.37 -16.74
C ALA B 78 16.70 -11.24 -15.93
N ALA B 79 16.95 -11.37 -14.61
CA ALA B 79 16.06 -12.19 -13.80
C ALA B 79 14.66 -11.57 -13.66
N HIS B 80 14.47 -10.32 -14.08
CA HIS B 80 13.18 -9.66 -13.98
C HIS B 80 12.40 -9.67 -15.29
N ARG B 81 13.06 -9.95 -16.41
CA ARG B 81 12.39 -9.92 -17.72
C ARG B 81 11.14 -10.78 -17.73
N ALA B 82 11.14 -11.90 -17.01
CA ALA B 82 10.08 -12.89 -17.16
C ALA B 82 8.72 -12.35 -16.72
N PHE B 83 8.68 -11.48 -15.73
CA PHE B 83 7.39 -11.00 -15.23
C PHE B 83 7.16 -9.51 -15.45
N LEU B 84 8.15 -8.77 -15.97
CA LEU B 84 8.02 -7.33 -16.22
C LEU B 84 7.83 -6.98 -17.69
N LEU B 85 8.09 -7.91 -18.61
CA LEU B 85 8.01 -7.64 -20.04
C LEU B 85 6.68 -8.13 -20.59
N SER B 86 6.04 -7.29 -21.40
CA SER B 86 4.65 -7.52 -21.78
C SER B 86 4.48 -8.78 -22.63
N ASP B 87 5.53 -9.19 -23.33
CA ASP B 87 5.44 -10.32 -24.23
C ASP B 87 5.83 -11.65 -23.58
N GLU B 88 6.33 -11.63 -22.32
CA GLU B 88 6.81 -12.83 -21.63
C GLU B 88 5.64 -13.58 -21.01
N PRO B 89 5.67 -14.92 -21.05
CA PRO B 89 4.54 -15.68 -20.51
C PRO B 89 4.19 -15.33 -19.07
N GLN B 90 5.17 -14.93 -18.26
CA GLN B 90 4.96 -14.65 -16.84
C GLN B 90 4.61 -13.19 -16.54
N TRP B 91 4.25 -12.42 -17.57
CA TRP B 91 3.98 -10.98 -17.42
C TRP B 91 2.85 -10.73 -16.43
N LEU B 92 3.08 -9.79 -15.51
CA LEU B 92 2.13 -9.48 -14.45
C LEU B 92 1.16 -8.37 -14.83
N GLY B 93 1.19 -7.88 -16.07
CA GLY B 93 0.23 -6.86 -16.48
C GLY B 93 -1.21 -7.23 -16.19
N TRP B 94 -1.56 -8.51 -16.35
CA TRP B 94 -2.91 -8.97 -16.04
C TRP B 94 -3.28 -8.63 -14.59
N LEU B 95 -2.36 -8.88 -13.65
CA LEU B 95 -2.66 -8.59 -12.26
C LEU B 95 -2.73 -7.09 -12.02
N GLY B 96 -1.79 -6.34 -12.58
CA GLY B 96 -1.82 -4.90 -12.44
C GLY B 96 -3.14 -4.30 -12.88
N ARG B 97 -3.67 -4.77 -14.01
CA ARG B 97 -4.93 -4.26 -14.51
C ARG B 97 -6.08 -4.64 -13.58
N HIS B 98 -6.11 -5.89 -13.12
CA HIS B 98 -7.11 -6.29 -12.14
C HIS B 98 -7.02 -5.43 -10.88
N ILE B 99 -5.80 -5.13 -10.41
CA ILE B 99 -5.65 -4.27 -9.23
C ILE B 99 -6.15 -2.87 -9.54
N ASP B 100 -5.72 -2.31 -10.67
CA ASP B 100 -6.07 -0.93 -11.01
C ASP B 100 -7.57 -0.72 -11.22
N THR B 101 -8.23 -1.63 -11.94
CA THR B 101 -9.63 -1.40 -12.28
C THR B 101 -10.60 -1.92 -11.24
N PHE B 102 -10.21 -2.92 -10.45
CA PHE B 102 -11.14 -3.61 -9.56
C PHE B 102 -10.71 -3.56 -8.10
N LEU B 103 -9.57 -4.17 -7.74
CA LEU B 103 -9.27 -4.42 -6.32
C LEU B 103 -8.91 -3.13 -5.59
N TYR B 104 -8.02 -2.34 -6.17
CA TYR B 104 -7.60 -1.11 -5.47
C TYR B 104 -8.76 -0.20 -5.17
N PRO B 105 -9.67 0.10 -6.12
CA PRO B 105 -10.85 0.89 -5.73
C PRO B 105 -11.72 0.17 -4.70
N LEU B 106 -11.92 -1.14 -4.88
CA LEU B 106 -12.75 -1.86 -3.92
C LEU B 106 -12.17 -1.78 -2.52
N TRP B 107 -10.86 -1.95 -2.37
CA TRP B 107 -10.29 -1.88 -1.04
C TRP B 107 -10.27 -0.47 -0.47
N GLY B 108 -10.47 0.56 -1.31
CA GLY B 108 -10.48 1.91 -0.77
C GLY B 108 -11.60 2.15 0.20
N GLU B 109 -12.66 1.34 0.14
CA GLU B 109 -13.79 1.44 1.05
C GLU B 109 -13.89 0.22 1.97
N LEU B 110 -12.74 -0.31 2.39
CA LEU B 110 -12.74 -1.50 3.24
C LEU B 110 -13.52 -1.24 4.53
N LYS B 111 -13.29 -0.09 5.15
CA LYS B 111 -13.92 0.21 6.43
C LYS B 111 -15.43 0.19 6.33
N THR B 112 -15.98 0.74 5.25
CA THR B 112 -17.43 0.70 5.08
C THR B 112 -17.93 -0.73 4.91
N ALA B 113 -17.14 -1.60 4.29
CA ALA B 113 -17.58 -2.97 4.10
C ALA B 113 -17.49 -3.80 5.37
N VAL B 114 -16.51 -3.52 6.25
CA VAL B 114 -16.49 -4.13 7.57
C VAL B 114 -17.69 -3.66 8.38
N ARG B 115 -18.02 -2.38 8.27
CA ARG B 115 -19.05 -1.79 9.11
C ARG B 115 -20.45 -2.22 8.68
N ASN B 116 -20.67 -2.44 7.40
CA ASN B 116 -22.01 -2.81 6.94
C ASN B 116 -22.30 -4.29 7.18
N ALA B 153 -5.20 -22.22 -11.85
CA ALA B 153 -3.87 -21.65 -11.63
C ALA B 153 -2.81 -22.73 -11.67
N ALA B 154 -1.73 -22.42 -12.40
CA ALA B 154 -0.67 -23.33 -12.81
C ALA B 154 -0.12 -24.17 -11.67
N PRO B 155 0.37 -23.60 -10.56
CA PRO B 155 1.02 -24.44 -9.55
C PRO B 155 0.05 -25.35 -8.84
N PHE B 156 -1.21 -24.92 -8.68
CA PHE B 156 -2.21 -25.84 -8.16
C PHE B 156 -2.41 -27.00 -9.12
N ILE B 157 -2.57 -26.69 -10.40
CA ILE B 157 -2.78 -27.71 -11.42
C ILE B 157 -1.66 -28.72 -11.39
N ALA B 158 -0.41 -28.23 -11.39
CA ALA B 158 0.74 -29.14 -11.46
C ALA B 158 0.80 -30.06 -10.25
N GLY B 159 0.54 -29.53 -9.06
CA GLY B 159 0.60 -30.36 -7.87
C GLY B 159 -0.58 -31.30 -7.76
N PHE B 160 -1.73 -30.91 -8.33
CA PHE B 160 -2.90 -31.78 -8.34
C PHE B 160 -2.68 -32.98 -9.26
N VAL B 161 -2.23 -32.72 -10.49
CA VAL B 161 -2.06 -33.78 -11.47
C VAL B 161 -0.92 -34.72 -11.06
N ARG B 162 0.14 -34.17 -10.46
CA ARG B 162 1.26 -34.98 -10.01
C ARG B 162 0.90 -35.79 -8.75
N ASP B 163 0.18 -35.20 -7.81
CA ASP B 163 0.00 -35.84 -6.51
C ASP B 163 -1.16 -36.82 -6.48
N TYR B 164 -2.24 -36.54 -7.20
CA TYR B 164 -3.46 -37.33 -7.13
C TYR B 164 -3.50 -38.33 -8.27
N ASP B 165 -3.78 -39.59 -7.94
CA ASP B 165 -3.86 -40.63 -8.96
C ASP B 165 -5.25 -40.60 -9.58
N PHE B 166 -5.40 -39.87 -10.70
CA PHE B 166 -6.69 -39.82 -11.39
C PHE B 166 -7.08 -41.16 -12.02
N SER B 167 -6.13 -42.08 -12.18
CA SER B 167 -6.43 -43.35 -12.85
C SER B 167 -7.47 -44.18 -12.10
N GLN B 168 -7.65 -43.94 -10.80
CA GLN B 168 -8.67 -44.65 -10.04
C GLN B 168 -10.11 -44.25 -10.42
N HIS B 169 -10.29 -43.32 -11.35
CA HIS B 169 -11.62 -42.85 -11.73
C HIS B 169 -11.85 -43.04 -13.22
N ARG B 170 -13.12 -43.14 -13.61
CA ARG B 170 -13.45 -43.29 -15.02
C ARG B 170 -13.89 -41.99 -15.69
N ALA B 171 -14.55 -41.08 -14.96
CA ALA B 171 -14.99 -39.83 -15.57
C ALA B 171 -14.78 -38.68 -14.58
N PHE B 172 -14.11 -37.63 -15.05
CA PHE B 172 -13.78 -36.47 -14.23
C PHE B 172 -14.48 -35.23 -14.78
N LEU B 173 -15.19 -34.51 -13.92
CA LEU B 173 -15.85 -33.27 -14.28
C LEU B 173 -15.33 -32.10 -13.45
N ASP B 174 -15.08 -30.96 -14.11
CA ASP B 174 -14.63 -29.73 -13.47
C ASP B 174 -15.73 -28.68 -13.53
N ILE B 175 -16.17 -28.20 -12.37
CA ILE B 175 -17.27 -27.20 -12.29
C ILE B 175 -16.69 -25.78 -12.18
N GLY B 176 -17.11 -24.89 -13.07
CA GLY B 176 -16.67 -23.48 -13.04
C GLY B 176 -15.29 -23.29 -13.65
N SER B 177 -14.79 -24.31 -14.34
CA SER B 177 -13.47 -24.27 -14.99
C SER B 177 -13.33 -22.99 -15.83
N GLY B 178 -12.25 -22.24 -15.63
CA GLY B 178 -12.03 -20.99 -16.38
C GLY B 178 -11.88 -21.24 -17.86
N ILE B 179 -10.75 -21.82 -18.27
CA ILE B 179 -10.51 -22.10 -19.73
C ILE B 179 -10.26 -23.59 -19.92
N GLY B 180 -10.41 -24.40 -18.88
CA GLY B 180 -10.20 -25.85 -19.00
C GLY B 180 -8.74 -26.25 -18.85
N SER B 181 -7.94 -25.42 -18.18
CA SER B 181 -6.50 -25.73 -18.00
C SER B 181 -6.34 -27.00 -17.16
N LEU B 182 -7.20 -27.21 -16.17
CA LEU B 182 -7.06 -28.42 -15.34
C LEU B 182 -7.43 -29.69 -16.12
N PRO B 183 -8.59 -29.79 -16.77
CA PRO B 183 -8.85 -31.00 -17.58
C PRO B 183 -7.86 -31.23 -18.70
N MET B 184 -7.38 -30.16 -19.35
CA MET B 184 -6.35 -30.34 -20.38
C MET B 184 -5.08 -30.95 -19.78
N ALA B 185 -4.66 -30.49 -18.60
CA ALA B 185 -3.54 -31.11 -17.92
C ALA B 185 -3.81 -32.57 -17.60
N ILE B 186 -5.04 -32.88 -17.17
CA ILE B 186 -5.39 -34.26 -16.88
C ILE B 186 -5.36 -35.09 -18.16
N ALA B 187 -5.97 -34.55 -19.23
CA ALA B 187 -5.94 -35.19 -20.55
C ALA B 187 -4.53 -35.53 -20.98
N ASP B 188 -3.57 -34.63 -20.72
CA ASP B 188 -2.19 -34.84 -21.13
C ASP B 188 -1.50 -35.93 -20.31
N ALA B 189 -2.04 -36.29 -19.15
CA ALA B 189 -1.40 -37.29 -18.30
C ALA B 189 -2.21 -38.56 -18.12
N TYR B 190 -3.50 -38.56 -18.42
CA TYR B 190 -4.37 -39.71 -18.21
C TYR B 190 -5.27 -39.89 -19.42
N PRO B 191 -4.75 -40.52 -20.48
CA PRO B 191 -5.52 -40.62 -21.74
C PRO B 191 -6.75 -41.50 -21.63
N GLY B 192 -6.95 -42.19 -20.51
CA GLY B 192 -8.06 -43.10 -20.39
C GLY B 192 -9.32 -42.51 -19.79
N ILE B 193 -9.17 -41.42 -19.06
CA ILE B 193 -10.30 -40.88 -18.30
C ILE B 193 -11.15 -39.99 -19.20
N ALA B 194 -12.46 -40.10 -19.03
CA ALA B 194 -13.38 -39.16 -19.65
C ALA B 194 -13.33 -37.83 -18.91
N LEU B 195 -13.50 -36.74 -19.66
CA LEU B 195 -13.31 -35.39 -19.17
C LEU B 195 -14.48 -34.50 -19.56
N ALA B 196 -14.92 -33.68 -18.62
CA ALA B 196 -15.95 -32.70 -18.94
C ALA B 196 -15.82 -31.49 -18.03
N ILE B 197 -16.40 -30.38 -18.50
CA ILE B 197 -16.47 -29.13 -17.77
C ILE B 197 -17.94 -28.73 -17.71
N CYS B 198 -18.38 -28.23 -16.56
CA CYS B 198 -19.74 -27.76 -16.41
C CYS B 198 -19.69 -26.25 -16.33
N GLU B 199 -20.29 -25.59 -17.30
CA GLU B 199 -20.20 -24.16 -17.46
C GLU B 199 -21.59 -23.54 -17.38
N LEU B 200 -21.64 -22.25 -17.04
CA LEU B 200 -22.90 -21.53 -17.08
C LEU B 200 -23.42 -21.50 -18.52
N PRO B 201 -24.75 -21.43 -18.70
CA PRO B 201 -25.29 -21.43 -20.07
C PRO B 201 -24.67 -20.37 -20.97
N GLN B 202 -24.53 -19.14 -20.49
CA GLN B 202 -24.06 -18.02 -21.32
C GLN B 202 -22.54 -18.02 -21.51
N ALA B 203 -21.85 -19.07 -21.06
CA ALA B 203 -20.41 -19.19 -21.27
C ALA B 203 -20.02 -20.50 -21.94
N SER B 204 -20.98 -21.38 -22.23
CA SER B 204 -20.62 -22.72 -22.67
C SER B 204 -20.12 -22.73 -24.12
N ALA B 205 -20.83 -22.06 -25.02
CA ALA B 205 -20.38 -21.99 -26.41
C ALA B 205 -18.99 -21.36 -26.50
N PHE B 206 -18.75 -20.31 -25.72
CA PHE B 206 -17.42 -19.70 -25.71
C PHE B 206 -16.36 -20.72 -25.31
N LEU B 207 -16.62 -21.47 -24.23
CA LEU B 207 -15.65 -22.45 -23.77
C LEU B 207 -15.50 -23.59 -24.77
N ARG B 208 -16.60 -24.06 -25.35
CA ARG B 208 -16.50 -25.07 -26.41
C ARG B 208 -15.52 -24.62 -27.49
N ASP B 209 -15.66 -23.36 -27.94
CA ASP B 209 -14.80 -22.85 -29.00
C ASP B 209 -13.33 -22.85 -28.60
N LYS B 210 -13.03 -22.28 -27.43
CA LYS B 210 -11.64 -22.21 -26.92
C LYS B 210 -11.04 -23.63 -26.88
N LEU B 211 -11.77 -24.57 -26.29
CA LEU B 211 -11.30 -25.95 -26.20
C LEU B 211 -11.00 -26.54 -27.58
N THR B 212 -11.89 -26.31 -28.54
CA THR B 212 -11.68 -26.80 -29.90
C THR B 212 -10.43 -26.16 -30.51
N LEU B 213 -10.29 -24.84 -30.38
CA LEU B 213 -9.11 -24.15 -30.91
C LEU B 213 -7.81 -24.65 -30.29
N GLN B 214 -7.86 -25.29 -29.14
CA GLN B 214 -6.65 -25.82 -28.54
C GLN B 214 -6.46 -27.30 -28.79
N GLY B 215 -7.35 -27.94 -29.54
CA GLY B 215 -7.18 -29.34 -29.86
C GLY B 215 -7.90 -30.30 -28.92
N TYR B 216 -8.62 -29.79 -27.93
CA TYR B 216 -9.29 -30.61 -26.93
C TYR B 216 -10.80 -30.66 -27.14
N GLY B 217 -11.30 -30.08 -28.24
CA GLY B 217 -12.73 -29.99 -28.46
C GLY B 217 -13.45 -31.32 -28.54
N GLU B 218 -12.75 -32.39 -28.87
CA GLU B 218 -13.36 -33.71 -28.86
C GLU B 218 -12.95 -34.54 -27.65
N ARG B 219 -11.96 -34.08 -26.88
CA ARG B 219 -11.47 -34.80 -25.72
C ARG B 219 -12.15 -34.36 -24.43
N ILE B 220 -12.66 -33.12 -24.38
CA ILE B 220 -13.27 -32.54 -23.18
C ILE B 220 -14.66 -32.05 -23.54
N ASP B 221 -15.67 -32.65 -22.93
CA ASP B 221 -17.07 -32.27 -23.15
C ASP B 221 -17.44 -31.06 -22.30
N VAL B 222 -18.39 -30.29 -22.80
CA VAL B 222 -18.89 -29.09 -22.11
C VAL B 222 -20.39 -29.30 -21.84
N VAL B 223 -20.74 -29.45 -20.57
CA VAL B 223 -22.13 -29.53 -20.17
C VAL B 223 -22.50 -28.20 -19.52
N GLU B 224 -23.80 -27.94 -19.43
CA GLU B 224 -24.27 -26.66 -18.94
C GLU B 224 -24.99 -26.84 -17.61
N GLY B 225 -24.72 -25.94 -16.67
CA GLY B 225 -25.30 -26.05 -15.35
C GLY B 225 -24.90 -24.89 -14.47
N ASP B 226 -25.34 -24.98 -13.21
CA ASP B 226 -25.31 -23.84 -12.28
C ASP B 226 -25.39 -24.41 -10.86
N VAL B 227 -24.32 -24.25 -10.08
CA VAL B 227 -24.32 -24.82 -8.72
C VAL B 227 -25.29 -24.08 -7.81
N ILE B 228 -25.53 -22.79 -8.05
CA ILE B 228 -26.45 -22.04 -7.21
C ILE B 228 -27.88 -22.46 -7.47
N SER B 229 -28.26 -22.56 -8.76
CA SER B 229 -29.59 -22.99 -9.15
C SER B 229 -29.82 -24.45 -8.78
N GLY B 230 -28.80 -25.29 -8.93
CA GLY B 230 -28.93 -26.72 -8.71
C GLY B 230 -29.18 -27.55 -9.95
N ASP B 231 -29.21 -26.93 -11.13
CA ASP B 231 -29.31 -27.67 -12.39
C ASP B 231 -27.91 -28.14 -12.77
N LEU B 232 -27.63 -29.43 -12.58
CA LEU B 232 -26.28 -29.95 -12.68
C LEU B 232 -26.24 -31.35 -13.31
N PRO B 233 -26.05 -31.42 -14.62
CA PRO B 233 -26.00 -32.71 -15.35
C PRO B 233 -24.66 -33.39 -15.19
N ILE B 234 -24.37 -33.83 -13.97
CA ILE B 234 -23.06 -34.34 -13.63
C ILE B 234 -23.12 -35.78 -13.15
N GLY B 235 -24.26 -36.46 -13.40
CA GLY B 235 -24.44 -37.83 -12.93
C GLY B 235 -23.41 -38.82 -13.44
N GLY B 236 -22.84 -38.57 -14.61
CA GLY B 236 -21.93 -39.57 -15.16
C GLY B 236 -20.48 -39.51 -14.70
N TYR B 237 -20.11 -38.64 -13.78
CA TYR B 237 -18.70 -38.41 -13.44
C TYR B 237 -18.45 -38.84 -11.99
N ASP B 238 -17.59 -39.84 -11.81
CA ASP B 238 -17.33 -40.37 -10.48
C ASP B 238 -16.30 -39.55 -9.71
N LEU B 239 -15.68 -38.55 -10.34
CA LEU B 239 -14.90 -37.55 -9.62
C LEU B 239 -15.32 -36.18 -10.15
N ILE B 240 -15.85 -35.34 -9.26
CA ILE B 240 -16.22 -33.97 -9.60
C ILE B 240 -15.36 -33.02 -8.78
N HIS B 241 -14.96 -31.90 -9.40
CA HIS B 241 -14.06 -30.95 -8.75
C HIS B 241 -14.62 -29.54 -8.86
N LEU B 242 -14.45 -28.76 -7.79
CA LEU B 242 -14.90 -27.37 -7.77
C LEU B 242 -13.71 -26.53 -7.32
N GLY B 243 -13.19 -25.71 -8.24
CA GLY B 243 -11.91 -25.06 -8.02
C GLY B 243 -12.02 -23.67 -7.40
N TRP B 244 -11.75 -23.57 -6.10
CA TRP B 244 -11.60 -22.27 -5.41
C TRP B 244 -12.85 -21.40 -5.55
N MET B 245 -14.03 -22.01 -5.42
CA MET B 245 -15.28 -21.27 -5.50
C MET B 245 -15.97 -21.08 -4.17
N LEU B 246 -15.78 -21.99 -3.20
CA LEU B 246 -16.56 -21.92 -1.98
C LEU B 246 -16.35 -20.58 -1.28
N HIS B 247 -15.09 -20.10 -1.25
CA HIS B 247 -14.79 -18.86 -0.55
C HIS B 247 -15.33 -17.62 -1.25
N ASP B 248 -15.85 -17.74 -2.48
CA ASP B 248 -16.57 -16.60 -3.05
C ASP B 248 -17.90 -16.33 -2.36
N TYR B 249 -18.38 -17.24 -1.50
CA TYR B 249 -19.75 -17.19 -1.01
C TYR B 249 -19.78 -17.23 0.51
N ALA B 250 -20.88 -16.74 1.08
CA ALA B 250 -21.10 -16.86 2.50
C ALA B 250 -21.26 -18.34 2.89
N PRO B 251 -20.97 -18.70 4.14
CA PRO B 251 -21.09 -20.11 4.56
C PRO B 251 -22.47 -20.71 4.28
N GLU B 252 -23.53 -19.91 4.46
CA GLU B 252 -24.87 -20.38 4.15
C GLU B 252 -25.01 -20.74 2.67
N THR B 253 -24.50 -19.89 1.77
CA THR B 253 -24.58 -20.21 0.35
C THR B 253 -23.62 -21.34 -0.01
N GLN B 254 -22.52 -21.47 0.72
CA GLN B 254 -21.64 -22.63 0.52
C GLN B 254 -22.39 -23.93 0.81
N LEU B 255 -23.18 -23.96 1.88
CA LEU B 255 -23.96 -25.16 2.18
C LEU B 255 -24.93 -25.48 1.05
N THR B 256 -25.60 -24.47 0.50
CA THR B 256 -26.53 -24.68 -0.61
C THR B 256 -25.78 -25.26 -1.82
N ILE B 257 -24.58 -24.73 -2.09
CA ILE B 257 -23.78 -25.23 -3.20
C ILE B 257 -23.38 -26.68 -2.98
N LEU B 258 -22.92 -27.00 -1.77
CA LEU B 258 -22.47 -28.37 -1.49
C LEU B 258 -23.63 -29.36 -1.53
N ARG B 259 -24.81 -28.95 -1.04
CA ARG B 259 -25.98 -29.82 -1.11
C ARG B 259 -26.42 -30.05 -2.55
N ASN B 260 -26.28 -29.01 -3.38
CA ASN B 260 -26.65 -29.11 -4.81
C ASN B 260 -25.73 -30.13 -5.50
N ILE B 261 -24.42 -30.03 -5.24
CA ILE B 261 -23.44 -30.97 -5.88
C ILE B 261 -23.62 -32.37 -5.31
N TYR B 262 -23.84 -32.49 -4.00
CA TYR B 262 -24.01 -33.83 -3.37
C TYR B 262 -25.18 -34.58 -4.01
N ARG B 263 -26.28 -33.88 -4.26
CA ARG B 263 -27.51 -34.49 -4.82
C ARG B 263 -27.27 -34.99 -6.26
N ALA B 264 -26.61 -34.18 -7.09
CA ALA B 264 -26.41 -34.52 -8.52
C ALA B 264 -25.35 -35.60 -8.73
N MET B 265 -24.41 -35.75 -7.79
CA MET B 265 -23.33 -36.72 -7.96
C MET B 265 -23.89 -38.14 -8.11
N PRO B 266 -23.16 -39.02 -8.77
CA PRO B 266 -23.56 -40.44 -8.79
C PRO B 266 -23.25 -41.11 -7.47
N ALA B 267 -24.04 -42.14 -7.15
CA ALA B 267 -23.72 -42.97 -6.00
C ALA B 267 -22.33 -43.54 -6.14
N GLY B 268 -21.56 -43.53 -5.04
CA GLY B 268 -20.18 -43.96 -5.07
C GLY B 268 -19.21 -42.89 -5.54
N GLY B 269 -19.70 -41.72 -5.89
CA GLY B 269 -18.85 -40.71 -6.48
C GLY B 269 -18.01 -40.00 -5.44
N ARG B 270 -16.97 -39.33 -5.93
CA ARG B 270 -16.10 -38.54 -5.08
C ARG B 270 -16.15 -37.10 -5.56
N PHE B 271 -16.12 -36.18 -4.61
CA PHE B 271 -16.12 -34.75 -4.90
C PHE B 271 -14.95 -34.10 -4.17
N ILE B 272 -14.31 -33.16 -4.85
CA ILE B 272 -13.14 -32.44 -4.34
C ILE B 272 -13.37 -30.95 -4.55
N ALA B 273 -13.27 -30.17 -3.47
CA ALA B 273 -13.20 -28.72 -3.55
C ALA B 273 -11.79 -28.28 -3.15
N SER B 274 -11.11 -27.57 -4.05
CA SER B 274 -9.77 -27.06 -3.77
C SER B 274 -9.91 -25.63 -3.24
N GLU B 275 -9.38 -25.39 -2.04
CA GLU B 275 -9.49 -24.11 -1.36
C GLU B 275 -8.12 -23.75 -0.76
N THR B 276 -8.04 -22.56 -0.17
CA THR B 276 -6.85 -22.11 0.55
C THR B 276 -7.33 -21.82 1.97
N PRO B 277 -7.43 -22.84 2.81
CA PRO B 277 -8.05 -22.65 4.13
C PRO B 277 -7.17 -21.83 5.06
N LEU B 278 -7.83 -21.14 5.99
CA LEU B 278 -7.12 -20.61 7.14
C LEU B 278 -6.57 -21.78 7.98
N ASN B 279 -5.50 -21.50 8.74
CA ASN B 279 -4.90 -22.52 9.59
C ASN B 279 -5.78 -22.80 10.81
N GLU B 280 -5.31 -23.74 11.65
CA GLU B 280 -6.16 -24.37 12.66
C GLU B 280 -6.71 -23.38 13.69
N ASP B 281 -5.96 -22.34 14.04
CA ASP B 281 -6.51 -21.35 14.96
C ASP B 281 -6.84 -20.03 14.26
N LYS B 282 -7.03 -20.07 12.94
CA LYS B 282 -7.39 -18.90 12.13
C LYS B 282 -6.51 -17.69 12.50
N SER B 283 -5.21 -17.93 12.57
CA SER B 283 -4.23 -16.89 12.78
C SER B 283 -3.46 -16.60 11.51
N GLY B 284 -3.81 -17.28 10.41
CA GLY B 284 -3.14 -17.15 9.15
C GLY B 284 -3.52 -18.30 8.24
N PRO B 285 -2.74 -18.52 7.17
CA PRO B 285 -1.55 -17.73 6.78
C PRO B 285 -1.92 -16.30 6.34
N GLU B 286 -0.92 -15.41 6.36
CA GLU B 286 -1.21 -13.98 6.23
C GLU B 286 -1.92 -13.66 4.92
N PHE B 287 -1.45 -14.21 3.79
CA PHE B 287 -2.09 -13.84 2.53
C PHE B 287 -3.54 -14.33 2.50
N THR B 288 -3.80 -15.53 3.02
CA THR B 288 -5.16 -16.02 3.05
C THR B 288 -6.04 -15.19 3.97
N ALA B 289 -5.47 -14.74 5.10
CA ALA B 289 -6.21 -13.83 5.97
C ALA B 289 -6.55 -12.56 5.22
N LEU B 290 -5.57 -12.02 4.50
CA LEU B 290 -5.83 -10.82 3.71
C LEU B 290 -6.79 -11.12 2.57
N LEU B 291 -6.62 -12.28 1.92
CA LEU B 291 -7.54 -12.64 0.84
C LEU B 291 -8.98 -12.69 1.35
N SER B 292 -9.19 -13.03 2.63
CA SER B 292 -10.53 -13.07 3.20
C SER B 292 -11.19 -11.70 3.14
N LEU B 293 -10.46 -10.67 3.56
CA LEU B 293 -10.94 -9.30 3.36
C LEU B 293 -11.16 -8.99 1.90
N ASN B 294 -10.33 -9.52 1.01
CA ASN B 294 -10.55 -9.30 -0.42
C ASN B 294 -11.89 -9.90 -0.86
N MET B 295 -12.26 -11.07 -0.31
CA MET B 295 -13.58 -11.61 -0.58
C MET B 295 -14.67 -10.74 0.03
N LEU B 296 -14.41 -10.13 1.19
CA LEU B 296 -15.38 -9.24 1.80
C LEU B 296 -15.77 -8.09 0.86
N VAL B 297 -14.77 -7.40 0.30
CA VAL B 297 -15.05 -6.20 -0.49
C VAL B 297 -15.44 -6.49 -1.94
N SER B 298 -15.14 -7.69 -2.46
CA SER B 298 -15.38 -7.98 -3.89
C SER B 298 -16.43 -9.05 -4.17
N THR B 299 -17.07 -9.64 -3.15
CA THR B 299 -18.18 -10.55 -3.39
C THR B 299 -19.28 -10.22 -2.40
N ASP B 300 -20.39 -10.94 -2.49
CA ASP B 300 -21.43 -10.85 -1.48
C ASP B 300 -21.24 -12.01 -0.50
N GLY B 301 -20.56 -11.74 0.60
CA GLY B 301 -20.43 -12.71 1.66
C GLY B 301 -19.24 -13.64 1.58
N GLY B 302 -18.36 -13.49 0.59
CA GLY B 302 -17.17 -14.32 0.53
C GLY B 302 -16.33 -14.21 1.79
N ILE B 303 -15.56 -15.25 2.07
CA ILE B 303 -14.81 -15.36 3.32
C ILE B 303 -13.97 -16.62 3.25
N GLU B 304 -12.83 -16.63 3.93
CA GLU B 304 -12.03 -17.84 4.04
C GLU B 304 -12.42 -18.59 5.31
N SER B 305 -12.08 -19.88 5.34
CA SER B 305 -12.51 -20.74 6.43
C SER B 305 -11.38 -21.67 6.83
N SER B 306 -11.49 -22.22 8.04
CA SER B 306 -10.55 -23.26 8.43
C SER B 306 -10.89 -24.58 7.74
N ALA B 307 -9.92 -25.49 7.74
CA ALA B 307 -10.14 -26.86 7.29
C ALA B 307 -11.32 -27.49 8.01
N GLN B 308 -11.34 -27.37 9.35
CA GLN B 308 -12.43 -27.96 10.12
C GLN B 308 -13.78 -27.39 9.73
N GLU B 309 -13.82 -26.10 9.37
CA GLU B 309 -15.09 -25.49 8.97
C GLU B 309 -15.57 -26.04 7.63
N TYR B 310 -14.66 -26.24 6.67
CA TYR B 310 -15.03 -26.88 5.41
C TYR B 310 -15.53 -28.29 5.64
N LEU B 311 -14.79 -29.08 6.44
CA LEU B 311 -15.26 -30.40 6.79
C LEU B 311 -16.65 -30.35 7.42
N ASP B 312 -16.87 -29.39 8.32
CA ASP B 312 -18.19 -29.26 8.94
C ASP B 312 -19.27 -29.08 7.89
N ARG B 313 -19.00 -28.23 6.88
CA ARG B 313 -20.01 -27.95 5.87
C ARG B 313 -20.21 -29.15 4.95
N PHE B 314 -19.13 -29.83 4.57
CA PHE B 314 -19.24 -31.07 3.81
C PHE B 314 -20.14 -32.08 4.54
N ARG B 315 -19.99 -32.19 5.86
CA ARG B 315 -20.80 -33.14 6.60
C ARG B 315 -22.26 -32.69 6.65
N LEU B 316 -22.49 -31.41 6.98
CA LEU B 316 -23.84 -30.86 6.99
C LEU B 316 -24.55 -31.05 5.65
N ALA B 317 -23.78 -31.09 4.56
CA ALA B 317 -24.34 -31.23 3.22
C ALA B 317 -24.61 -32.68 2.84
N GLY B 318 -24.26 -33.64 3.69
CA GLY B 318 -24.54 -35.03 3.42
C GLY B 318 -23.35 -35.87 3.02
N PHE B 319 -22.17 -35.26 2.81
CA PHE B 319 -21.04 -36.03 2.30
C PHE B 319 -20.57 -37.04 3.35
N SER B 320 -19.97 -38.13 2.86
CA SER B 320 -19.36 -39.15 3.70
C SER B 320 -17.85 -39.12 3.53
N ASN B 321 -17.15 -39.58 4.59
CA ASN B 321 -15.69 -39.62 4.63
C ASN B 321 -15.09 -38.24 4.33
N ALA B 322 -15.79 -37.18 4.73
CA ALA B 322 -15.26 -35.82 4.58
C ALA B 322 -13.86 -35.75 5.17
N ARG B 323 -12.88 -35.34 4.36
CA ARG B 323 -11.49 -35.38 4.79
C ARG B 323 -10.63 -34.37 4.03
N ILE B 324 -9.41 -34.21 4.51
CA ILE B 324 -8.46 -33.24 3.98
C ILE B 324 -7.32 -33.97 3.28
N MET B 325 -7.09 -33.64 2.01
CA MET B 325 -5.91 -34.10 1.27
C MET B 325 -4.99 -32.92 1.01
N LYS B 326 -3.77 -33.01 1.51
CA LYS B 326 -2.80 -31.91 1.40
C LYS B 326 -1.87 -32.23 0.24
N ILE B 327 -2.09 -31.59 -0.90
CA ILE B 327 -1.31 -31.82 -2.08
C ILE B 327 -0.32 -30.68 -2.23
N ALA B 328 0.61 -30.83 -3.17
CA ALA B 328 1.56 -29.77 -3.46
C ALA B 328 0.85 -28.58 -4.10
N GLY B 329 1.43 -27.39 -3.92
CA GLY B 329 0.85 -26.18 -4.43
C GLY B 329 0.17 -25.39 -3.34
N PRO B 330 -0.51 -24.30 -3.72
CA PRO B 330 -1.09 -23.38 -2.74
C PRO B 330 -2.46 -23.78 -2.23
N ARG B 331 -3.07 -24.84 -2.74
CA ARG B 331 -4.43 -25.18 -2.35
C ARG B 331 -4.46 -26.50 -1.58
N THR B 332 -5.47 -26.66 -0.75
CA THR B 332 -5.76 -27.88 -0.03
C THR B 332 -7.04 -28.50 -0.58
N LEU B 333 -7.11 -29.83 -0.62
CA LEU B 333 -8.28 -30.52 -1.13
C LEU B 333 -9.20 -30.92 0.04
N ILE B 334 -10.46 -30.52 -0.05
CA ILE B 334 -11.51 -31.03 0.82
C ILE B 334 -12.32 -32.04 0.01
N VAL B 335 -12.45 -33.26 0.55
CA VAL B 335 -12.90 -34.39 -0.24
C VAL B 335 -14.05 -35.07 0.48
N GLY B 336 -15.06 -35.46 -0.28
CA GLY B 336 -16.18 -36.20 0.26
C GLY B 336 -16.65 -37.21 -0.75
N GLU B 337 -17.45 -38.16 -0.28
CA GLU B 337 -18.06 -39.15 -1.17
C GLU B 337 -19.55 -39.27 -0.87
N LYS B 338 -20.26 -39.80 -1.86
CA LYS B 338 -21.65 -40.21 -1.75
C LYS B 338 -21.68 -41.74 -1.72
N LEU B 339 -22.18 -42.32 -0.64
CA LEU B 339 -22.01 -43.75 -0.49
C LEU B 339 -22.86 -44.55 -1.49
C ACT C . -9.26 18.49 -2.02
O ACT C . -9.05 19.28 -1.07
OXT ACT C . -10.38 18.13 -2.51
CH3 ACT C . -8.00 17.89 -2.71
H1 ACT C . -8.28 17.31 -3.44
H2 ACT C . -7.50 17.37 -2.07
H3 ACT C . -7.45 18.60 -3.07
C1 GOL D . 13.80 17.82 23.65
O1 GOL D . 12.77 18.32 22.96
C2 GOL D . 13.32 17.37 25.04
O2 GOL D . 14.13 16.39 25.46
C3 GOL D . 13.48 18.62 25.97
O3 GOL D . 14.10 19.65 25.19
H11 GOL D . 14.50 18.50 23.75
H12 GOL D . 14.16 17.03 23.17
HO1 GOL D . 13.06 18.56 22.20
H2 GOL D . 12.36 17.15 24.98
HO2 GOL D . 14.54 16.66 26.14
H31 GOL D . 14.04 18.38 26.75
H32 GOL D . 12.59 18.92 26.29
HO3 GOL D . 14.25 19.35 24.41
#